data_7C1Y
#
_entry.id   7C1Y
#
_cell.length_a   79.328
_cell.length_b   48.857
_cell.length_c   91.788
_cell.angle_alpha   90.0
_cell.angle_beta   107.515
_cell.angle_gamma   90.0
#
_symmetry.space_group_name_H-M   'P 1 21 1'
#
loop_
_entity.id
_entity.type
_entity.pdbx_description
1 polymer 'PfkB-like carbohydrate kinase family protein'
2 non-polymer 'SODIUM ION'
3 non-polymer 5-[(2~{S},3~{R},4~{S},5~{R})-5-(hydroxymethyl)-3,4-bis(oxidanyl)oxolan-2-yl]-1~{H}-pyrimidine-2,4-dione
4 non-polymer "ADENOSINE-5'-DIPHOSPHATE"
5 water water
#
_entity_poly.entity_id   1
_entity_poly.type   'polypeptide(L)'
_entity_poly.pdbx_seq_one_letter_code
;MEPVIIGALILDVHAKPSTTPISGTTVPGQVLFAPGGVARNVADCIFKLGITPFMIGTLGLDGPANVLLKEWKLSMKGIL
RREDISTPIVSLVYDTNGEVAAGVAGVDAVENFLTPEWIQRFEYNISSARLLMVDANLSSLALEASCKLAAESSVPVWFE
PVSVTKSQRIASIAKYVTIVSPNQDELIAMANALCAKNLFHPFRSDENKLSIEDMFRALKPAILVLLKNGVKVVIVTLGS
NGALLCSKGNPKKALNIDRKFLRSGEVFKRVQSVCSPNRFSELGSNRSPSLFAMHFPTIPAKVKKLTGAGDCLVGGTVAS
LSDGLDLIQSLAVGIASAKAAVESDDNVPPEFKLDLISGDAELVYNGAKMLMVHQSML
;
_entity_poly.pdbx_strand_id   A,B
#
loop_
_chem_comp.id
_chem_comp.type
_chem_comp.name
_chem_comp.formula
ADP non-polymer ADENOSINE-5'-DIPHOSPHATE 'C10 H15 N5 O10 P2'
FJF non-polymer 5-[(2~{S},3~{R},4~{S},5~{R})-5-(hydroxymethyl)-3,4-bis(oxidanyl)oxolan-2-yl]-1~{H}-pyrimidine-2,4-dione 'C9 H12 N2 O6'
NA non-polymer 'SODIUM ION' 'Na 1'
#
# COMPACT_ATOMS: atom_id res chain seq x y z
N MET A 1 2.99 -9.53 -35.74
CA MET A 1 4.38 -9.61 -35.29
C MET A 1 4.65 -8.63 -34.13
N GLU A 2 3.70 -8.59 -33.20
CA GLU A 2 3.73 -7.67 -32.07
C GLU A 2 4.98 -7.84 -31.20
N PRO A 3 5.43 -6.75 -30.57
CA PRO A 3 6.47 -6.90 -29.56
C PRO A 3 5.93 -7.68 -28.39
N VAL A 4 6.77 -8.54 -27.82
CA VAL A 4 6.32 -9.37 -26.72
C VAL A 4 6.94 -8.85 -25.45
N ILE A 5 6.09 -8.64 -24.45
CA ILE A 5 6.49 -8.06 -23.17
C ILE A 5 6.32 -9.11 -22.08
N ILE A 6 7.40 -9.48 -21.40
CA ILE A 6 7.25 -10.51 -20.35
C ILE A 6 7.66 -9.99 -18.99
N GLY A 7 6.76 -10.05 -18.02
CA GLY A 7 7.13 -9.65 -16.68
C GLY A 7 5.97 -9.41 -15.74
N ALA A 8 6.17 -8.51 -14.78
CA ALA A 8 5.21 -8.35 -13.69
C ALA A 8 4.05 -7.41 -13.98
N LEU A 9 2.85 -7.86 -13.63
CA LEU A 9 1.72 -6.95 -13.44
C LEU A 9 1.60 -6.73 -11.93
N ILE A 10 1.74 -5.49 -11.49
CA ILE A 10 1.74 -5.26 -10.07
C ILE A 10 0.71 -4.21 -9.63
N LEU A 11 0.05 -4.44 -8.49
CA LEU A 11 -0.77 -3.36 -7.90
C LEU A 11 0.11 -2.50 -7.03
N ASP A 12 0.28 -1.25 -7.43
CA ASP A 12 1.11 -0.29 -6.68
C ASP A 12 0.33 0.45 -5.60
N VAL A 13 0.91 0.55 -4.42
CA VAL A 13 0.38 1.42 -3.39
C VAL A 13 1.36 2.59 -3.27
N HIS A 14 0.85 3.78 -3.58
CA HIS A 14 1.64 5.02 -3.57
C HIS A 14 1.23 5.92 -2.40
N ALA A 15 2.15 6.10 -1.47
CA ALA A 15 1.91 6.89 -0.28
C ALA A 15 2.72 8.16 -0.33
N LYS A 16 2.05 9.29 -0.55
CA LYS A 16 2.71 10.59 -0.60
C LYS A 16 2.45 11.31 0.71
N PRO A 17 3.49 11.43 1.55
CA PRO A 17 3.25 12.06 2.84
C PRO A 17 3.21 13.58 2.68
N SER A 18 2.37 14.24 3.48
CA SER A 18 2.23 15.69 3.45
C SER A 18 3.39 16.35 4.19
N THR A 19 3.99 15.62 5.13
CA THR A 19 5.21 16.08 5.77
C THR A 19 6.25 14.96 5.71
N THR A 20 7.49 15.29 6.06
CA THR A 20 8.59 14.32 6.03
C THR A 20 8.27 13.10 6.87
N PRO A 21 8.28 11.91 6.23
CA PRO A 21 8.06 10.65 6.94
C PRO A 21 9.02 10.53 8.10
N ILE A 22 8.52 10.15 9.27
CA ILE A 22 9.40 10.05 10.42
C ILE A 22 9.50 8.60 10.85
N SER A 23 10.74 8.16 11.10
CA SER A 23 10.97 6.80 11.53
C SER A 23 10.24 6.56 12.84
N GLY A 24 9.56 5.44 12.93
CA GLY A 24 8.83 5.08 14.14
C GLY A 24 7.38 5.45 14.10
N THR A 25 6.96 6.29 13.16
CA THR A 25 5.57 6.77 13.20
C THR A 25 4.88 7.07 11.87
N THR A 26 3.57 7.27 11.96
CA THR A 26 2.73 7.58 10.82
C THR A 26 2.50 9.08 10.68
N VAL A 27 2.55 9.57 9.44
CA VAL A 27 2.26 10.97 9.13
C VAL A 27 1.11 11.06 8.14
N PRO A 28 0.34 12.16 8.18
CA PRO A 28 -0.76 12.31 7.25
C PRO A 28 -0.25 12.37 5.83
N GLY A 29 -1.07 11.91 4.90
CA GLY A 29 -0.69 12.03 3.51
C GLY A 29 -1.76 11.51 2.61
N GLN A 30 -1.40 11.38 1.34
CA GLN A 30 -2.30 10.84 0.34
C GLN A 30 -1.86 9.42 -0.02
N VAL A 31 -2.79 8.47 0.02
CA VAL A 31 -2.47 7.10 -0.34
C VAL A 31 -3.46 6.58 -1.37
N LEU A 32 -2.92 6.20 -2.53
CA LEU A 32 -3.68 5.74 -3.67
C LEU A 32 -3.18 4.40 -4.24
N PHE A 33 -4.07 3.67 -4.94
CA PHE A 33 -3.68 2.53 -5.77
C PHE A 33 -3.37 3.01 -7.19
N ALA A 34 -2.41 2.36 -7.85
CA ALA A 34 -2.18 2.58 -9.28
C ALA A 34 -1.71 1.27 -9.99
N PRO A 35 -2.21 1.02 -11.20
CA PRO A 35 -1.68 -0.10 -11.98
C PRO A 35 -0.17 0.07 -12.18
N GLY A 36 0.60 -0.94 -11.83
CA GLY A 36 2.03 -0.88 -11.92
C GLY A 36 2.68 -2.18 -12.39
N GLY A 37 3.98 -2.31 -12.10
CA GLY A 37 4.76 -3.42 -12.64
C GLY A 37 5.47 -2.99 -13.92
N VAL A 38 6.78 -3.17 -13.96
CA VAL A 38 7.60 -2.65 -15.06
C VAL A 38 7.11 -3.14 -16.42
N ALA A 39 6.93 -4.43 -16.55
CA ALA A 39 6.47 -4.99 -17.82
C ALA A 39 5.07 -4.49 -18.20
N ARG A 40 4.16 -4.44 -17.21
CA ARG A 40 2.83 -3.90 -17.46
C ARG A 40 2.88 -2.43 -17.91
N ASN A 41 3.70 -1.63 -17.23
CA ASN A 41 3.81 -0.21 -17.60
C ASN A 41 4.28 -0.05 -19.03
N VAL A 42 5.25 -0.88 -19.42
CA VAL A 42 5.83 -0.82 -20.76
C VAL A 42 4.77 -1.17 -21.77
N ALA A 43 4.05 -2.26 -21.52
CA ALA A 43 3.02 -2.71 -22.43
C ALA A 43 1.96 -1.62 -22.61
N ASP A 44 1.63 -0.98 -21.49
CA ASP A 44 0.61 0.06 -21.42
C ASP A 44 1.00 1.28 -22.25
N CYS A 45 2.25 1.69 -22.08
CA CYS A 45 2.78 2.82 -22.82
C CYS A 45 2.82 2.53 -24.32
N ILE A 46 3.26 1.32 -24.67
CA ILE A 46 3.32 0.91 -26.08
C ILE A 46 1.94 1.02 -26.71
N PHE A 47 0.98 0.43 -26.03
CA PHE A 47 -0.40 0.41 -26.48
C PHE A 47 -0.93 1.81 -26.74
N LYS A 48 -0.69 2.71 -25.80
CA LYS A 48 -1.20 4.08 -25.93
C LYS A 48 -0.47 4.88 -27.03
N LEU A 49 0.62 4.36 -27.57
CA LEU A 49 1.24 4.97 -28.74
C LEU A 49 0.77 4.33 -30.04
N GLY A 50 -0.20 3.42 -29.95
CA GLY A 50 -0.80 2.85 -31.14
C GLY A 50 -0.22 1.53 -31.62
N ILE A 51 0.69 0.97 -30.85
CA ILE A 51 1.21 -0.36 -31.14
C ILE A 51 0.65 -1.37 -30.16
N THR A 52 0.15 -2.50 -30.65
CA THR A 52 -0.39 -3.52 -29.77
C THR A 52 0.69 -4.54 -29.35
N PRO A 53 1.02 -4.58 -28.05
CA PRO A 53 1.99 -5.57 -27.58
C PRO A 53 1.28 -6.85 -27.11
N PHE A 54 2.03 -7.95 -26.98
CA PHE A 54 1.51 -9.17 -26.37
C PHE A 54 2.14 -9.34 -25.00
N MET A 55 1.32 -9.41 -23.97
CA MET A 55 1.83 -9.46 -22.61
C MET A 55 1.87 -10.91 -22.10
N ILE A 56 2.99 -11.31 -21.51
CA ILE A 56 3.07 -12.60 -20.85
C ILE A 56 3.35 -12.35 -19.37
N GLY A 57 2.47 -12.86 -18.53
CA GLY A 57 2.58 -12.61 -17.10
C GLY A 57 1.73 -13.55 -16.28
N THR A 58 1.53 -13.19 -15.02
CA THR A 58 0.74 -14.03 -14.10
C THR A 58 -0.01 -13.14 -13.10
N LEU A 59 -1.20 -13.56 -12.72
CA LEU A 59 -2.03 -12.83 -11.76
C LEU A 59 -2.79 -13.77 -10.86
N GLY A 60 -3.23 -13.27 -9.71
CA GLY A 60 -4.09 -14.06 -8.85
C GLY A 60 -5.51 -14.01 -9.34
N LEU A 61 -6.38 -14.75 -8.65
CA LEU A 61 -7.82 -14.61 -8.83
C LEU A 61 -8.39 -13.83 -7.66
N ASP A 62 -7.77 -12.68 -7.36
CA ASP A 62 -8.06 -11.94 -6.15
C ASP A 62 -8.45 -10.49 -6.43
N GLY A 63 -8.62 -9.70 -5.35
CA GLY A 63 -9.01 -8.31 -5.47
C GLY A 63 -8.04 -7.42 -6.23
N PRO A 64 -6.75 -7.46 -5.87
CA PRO A 64 -5.76 -6.66 -6.60
C PRO A 64 -5.74 -7.01 -8.10
N ALA A 65 -5.97 -8.28 -8.42
CA ALA A 65 -6.02 -8.67 -9.85
C ALA A 65 -7.18 -7.96 -10.54
N ASN A 66 -8.34 -7.99 -9.90
CA ASN A 66 -9.51 -7.26 -10.39
C ASN A 66 -9.20 -5.80 -10.65
N VAL A 67 -8.45 -5.17 -9.76
CA VAL A 67 -8.08 -3.77 -9.98
C VAL A 67 -7.27 -3.60 -11.26
N LEU A 68 -6.24 -4.43 -11.42
CA LEU A 68 -5.34 -4.32 -12.56
C LEU A 68 -6.03 -4.54 -13.90
N LEU A 69 -7.02 -5.43 -13.92
CA LEU A 69 -7.63 -5.88 -15.18
C LEU A 69 -8.88 -5.10 -15.53
N LYS A 70 -9.29 -4.19 -14.65
CA LYS A 70 -10.51 -3.40 -14.79
C LYS A 70 -10.54 -2.67 -16.14
N GLU A 71 -9.43 -2.06 -16.50
CA GLU A 71 -9.35 -1.33 -17.76
C GLU A 71 -8.46 -2.03 -18.78
N TRP A 72 -8.15 -3.30 -18.55
CA TRP A 72 -7.25 -4.05 -19.44
C TRP A 72 -7.92 -4.30 -20.79
N LYS A 73 -7.31 -3.79 -21.85
CA LYS A 73 -7.90 -3.92 -23.18
C LYS A 73 -6.99 -4.73 -24.12
N LEU A 74 -5.98 -5.37 -23.55
CA LEU A 74 -5.09 -6.25 -24.31
C LEU A 74 -5.50 -7.70 -24.14
N SER A 75 -4.90 -8.59 -24.93
CA SER A 75 -5.21 -10.01 -24.79
C SER A 75 -4.83 -10.51 -23.42
N MET A 76 -5.53 -11.54 -22.95
CA MET A 76 -5.16 -12.14 -21.67
C MET A 76 -4.66 -13.57 -21.82
N LYS A 77 -4.60 -14.05 -23.06
CA LYS A 77 -4.13 -15.39 -23.38
C LYS A 77 -2.78 -15.67 -22.70
N GLY A 78 -1.93 -14.66 -22.61
CA GLY A 78 -0.59 -14.81 -22.05
C GLY A 78 -0.49 -14.68 -20.54
N ILE A 79 -1.63 -14.49 -19.85
CA ILE A 79 -1.56 -14.27 -18.39
C ILE A 79 -2.01 -15.51 -17.59
N LEU A 80 -1.07 -16.10 -16.84
CA LEU A 80 -1.42 -17.29 -16.04
C LEU A 80 -2.18 -16.88 -14.80
N ARG A 81 -3.43 -17.32 -14.70
CA ARG A 81 -4.23 -16.97 -13.52
C ARG A 81 -4.70 -18.20 -12.77
N ARG A 82 -4.44 -18.25 -11.47
CA ARG A 82 -4.84 -19.39 -10.66
C ARG A 82 -5.13 -19.00 -9.22
N GLU A 83 -6.01 -19.77 -8.58
CA GLU A 83 -6.43 -19.51 -7.20
C GLU A 83 -5.30 -19.47 -6.18
N ASP A 84 -4.25 -20.26 -6.42
CA ASP A 84 -3.14 -20.32 -5.48
C ASP A 84 -2.12 -19.21 -5.71
N ILE A 85 -2.32 -18.37 -6.71
CA ILE A 85 -1.37 -17.30 -6.99
C ILE A 85 -1.80 -16.00 -6.30
N SER A 86 -0.85 -15.35 -5.63
CA SER A 86 -1.10 -14.08 -4.99
C SER A 86 -0.62 -12.91 -5.88
N THR A 87 -1.54 -12.08 -6.35
CA THR A 87 -1.18 -10.95 -7.21
C THR A 87 -0.14 -10.07 -6.57
N PRO A 88 0.95 -9.76 -7.29
CA PRO A 88 2.02 -8.96 -6.73
C PRO A 88 1.59 -7.56 -6.27
N ILE A 89 2.19 -7.10 -5.18
CA ILE A 89 1.90 -5.76 -4.68
C ILE A 89 3.18 -5.03 -4.37
N VAL A 90 3.27 -3.79 -4.84
CA VAL A 90 4.39 -2.92 -4.47
C VAL A 90 3.92 -1.74 -3.59
N SER A 91 4.67 -1.46 -2.54
CA SER A 91 4.34 -0.35 -1.62
C SER A 91 5.46 0.67 -1.67
N LEU A 92 5.12 1.88 -2.10
CA LEU A 92 6.08 2.97 -2.16
C LEU A 92 5.71 4.03 -1.12
N VAL A 93 6.72 4.50 -0.39
CA VAL A 93 6.55 5.73 0.40
C VAL A 93 7.47 6.79 -0.13
N TYR A 94 6.91 7.91 -0.57
CA TYR A 94 7.74 8.96 -1.13
C TYR A 94 8.20 9.92 -0.07
N ASP A 95 9.21 10.69 -0.40
CA ASP A 95 9.55 11.84 0.40
C ASP A 95 8.76 13.00 -0.19
N THR A 96 8.90 14.18 0.40
CA THR A 96 8.09 15.30 -0.05
C THR A 96 8.49 15.77 -1.45
N ASN A 97 9.72 15.47 -1.88
CA ASN A 97 10.11 15.85 -3.24
C ASN A 97 9.94 14.72 -4.28
N GLY A 98 9.02 13.79 -4.01
CA GLY A 98 8.58 12.85 -5.02
C GLY A 98 9.53 11.72 -5.35
N GLU A 99 10.57 11.57 -4.55
CA GLU A 99 11.50 10.44 -4.65
C GLU A 99 11.05 9.34 -3.72
N VAL A 100 11.45 8.10 -4.00
CA VAL A 100 11.06 7.00 -3.15
C VAL A 100 11.89 7.04 -1.87
N ALA A 101 11.22 7.14 -0.72
CA ALA A 101 11.95 7.14 0.53
C ALA A 101 12.16 5.67 0.97
N ALA A 102 11.16 4.84 0.72
CA ALA A 102 11.31 3.42 0.99
C ALA A 102 10.30 2.69 0.13
N GLY A 103 10.74 1.59 -0.48
CA GLY A 103 9.89 0.79 -1.34
C GLY A 103 10.08 -0.70 -1.10
N VAL A 104 8.97 -1.42 -1.06
CA VAL A 104 9.01 -2.84 -0.83
C VAL A 104 8.22 -3.51 -1.91
N ALA A 105 8.80 -4.55 -2.51
CA ALA A 105 8.17 -5.23 -3.62
C ALA A 105 7.88 -6.70 -3.28
N GLY A 106 6.60 -7.06 -3.36
CA GLY A 106 6.17 -8.43 -3.09
C GLY A 106 5.74 -9.03 -4.41
N VAL A 107 6.70 -9.66 -5.10
CA VAL A 107 6.55 -10.13 -6.47
C VAL A 107 6.84 -11.63 -6.54
N ASP A 108 6.56 -12.34 -5.44
CA ASP A 108 6.83 -13.78 -5.37
C ASP A 108 6.13 -14.57 -6.46
N ALA A 109 4.91 -14.15 -6.83
CA ALA A 109 4.14 -14.87 -7.84
C ALA A 109 4.86 -14.93 -9.18
N VAL A 110 5.55 -13.86 -9.53
CA VAL A 110 6.26 -13.81 -10.80
C VAL A 110 7.47 -14.76 -10.76
N GLU A 111 8.25 -14.72 -9.69
CA GLU A 111 9.42 -15.60 -9.58
C GLU A 111 9.05 -17.08 -9.49
N ASN A 112 7.97 -17.39 -8.77
CA ASN A 112 7.59 -18.79 -8.61
C ASN A 112 6.68 -19.39 -9.68
N PHE A 113 5.88 -18.56 -10.34
CA PHE A 113 4.83 -19.11 -11.22
C PHE A 113 5.00 -18.68 -12.68
N LEU A 114 5.71 -17.59 -12.93
CA LEU A 114 5.96 -17.20 -14.30
C LEU A 114 7.22 -17.95 -14.81
N THR A 115 7.02 -19.23 -15.05
CA THR A 115 8.08 -20.21 -15.30
C THR A 115 8.44 -20.39 -16.79
N PRO A 116 9.60 -21.02 -17.07
CA PRO A 116 9.92 -21.44 -18.45
C PRO A 116 8.77 -22.25 -19.07
N GLU A 117 8.16 -23.14 -18.29
CA GLU A 117 7.08 -23.96 -18.80
C GLU A 117 5.94 -23.06 -19.28
N TRP A 118 5.60 -22.04 -18.49
CA TRP A 118 4.56 -21.12 -18.92
C TRP A 118 4.98 -20.32 -20.14
N ILE A 119 6.19 -19.80 -20.12
CA ILE A 119 6.63 -18.93 -21.20
C ILE A 119 6.70 -19.67 -22.53
N GLN A 120 7.07 -20.94 -22.48
CA GLN A 120 7.22 -21.76 -23.71
C GLN A 120 5.94 -22.04 -24.47
N ARG A 121 4.80 -21.96 -23.81
CA ARG A 121 3.51 -22.05 -24.48
C ARG A 121 3.42 -21.02 -25.61
N PHE A 122 4.16 -19.92 -25.48
CA PHE A 122 4.06 -18.82 -26.44
C PHE A 122 5.35 -18.71 -27.26
N GLU A 123 5.98 -19.86 -27.51
CA GLU A 123 7.15 -19.92 -28.39
C GLU A 123 6.89 -19.21 -29.72
N TYR A 124 5.73 -19.43 -30.32
CA TYR A 124 5.38 -18.80 -31.59
C TYR A 124 5.40 -17.27 -31.50
N ASN A 125 4.76 -16.73 -30.46
CA ASN A 125 4.66 -15.29 -30.32
C ASN A 125 6.05 -14.68 -30.21
N ILE A 126 6.92 -15.36 -29.48
CA ILE A 126 8.25 -14.83 -29.27
C ILE A 126 9.09 -14.90 -30.53
N SER A 127 9.04 -16.02 -31.25
CA SER A 127 9.86 -16.19 -32.44
C SER A 127 9.47 -15.22 -33.54
N SER A 128 8.20 -14.85 -33.57
CA SER A 128 7.72 -13.97 -34.61
C SER A 128 7.72 -12.51 -34.17
N ALA A 129 8.17 -12.26 -32.94
CA ALA A 129 8.11 -10.91 -32.36
C ALA A 129 9.09 -9.96 -33.05
N ARG A 130 8.74 -8.68 -33.09
CA ARG A 130 9.65 -7.69 -33.63
C ARG A 130 10.76 -7.45 -32.62
N LEU A 131 10.43 -7.69 -31.35
CA LEU A 131 11.32 -7.41 -30.26
C LEU A 131 10.73 -8.08 -29.01
N LEU A 132 11.60 -8.58 -28.13
CA LEU A 132 11.20 -9.15 -26.85
C LEU A 132 11.72 -8.30 -25.69
N MET A 133 10.81 -7.89 -24.80
CA MET A 133 11.17 -7.15 -23.59
C MET A 133 10.90 -8.01 -22.39
N VAL A 134 11.94 -8.28 -21.62
CA VAL A 134 11.77 -9.05 -20.40
C VAL A 134 12.14 -8.16 -19.23
N ASP A 135 11.38 -8.22 -18.15
CA ASP A 135 11.83 -7.43 -17.00
C ASP A 135 12.47 -8.34 -15.96
N ALA A 136 13.18 -7.74 -15.04
CA ALA A 136 13.98 -8.48 -14.09
C ALA A 136 13.17 -9.02 -12.91
N ASN A 137 11.84 -8.89 -12.92
CA ASN A 137 11.00 -9.59 -11.92
C ASN A 137 11.01 -11.10 -12.15
N LEU A 138 11.33 -11.49 -13.37
CA LEU A 138 11.52 -12.90 -13.74
C LEU A 138 12.69 -13.52 -12.99
N SER A 139 12.51 -14.77 -12.60
CA SER A 139 13.62 -15.60 -12.13
C SER A 139 14.67 -15.72 -13.21
N SER A 140 15.90 -16.02 -12.80
CA SER A 140 17.02 -16.25 -13.73
C SER A 140 16.66 -17.32 -14.75
N LEU A 141 16.07 -18.42 -14.29
CA LEU A 141 15.70 -19.49 -15.19
C LEU A 141 14.66 -19.05 -16.25
N ALA A 142 13.65 -18.30 -15.82
CA ALA A 142 12.66 -17.73 -16.74
C ALA A 142 13.34 -16.78 -17.74
N LEU A 143 14.27 -15.98 -17.24
CA LEU A 143 15.00 -15.06 -18.12
C LEU A 143 15.82 -15.84 -19.15
N GLU A 144 16.57 -16.84 -18.69
CA GLU A 144 17.38 -17.66 -19.60
C GLU A 144 16.53 -18.33 -20.66
N ALA A 145 15.43 -18.95 -20.24
CA ALA A 145 14.57 -19.63 -21.20
C ALA A 145 14.02 -18.62 -22.23
N SER A 146 13.59 -17.46 -21.75
CA SER A 146 13.07 -16.40 -22.62
C SER A 146 14.08 -15.93 -23.64
N CYS A 147 15.28 -15.62 -23.16
CA CYS A 147 16.29 -15.03 -24.02
C CYS A 147 16.78 -16.01 -25.08
N LYS A 148 16.83 -17.29 -24.74
CA LYS A 148 17.23 -18.34 -25.67
C LYS A 148 16.21 -18.54 -26.79
N LEU A 149 14.93 -18.54 -26.44
CA LEU A 149 13.91 -18.65 -27.48
C LEU A 149 14.04 -17.47 -28.44
N ALA A 150 14.29 -16.27 -27.89
CA ALA A 150 14.47 -15.08 -28.71
C ALA A 150 15.68 -15.21 -29.65
N ALA A 151 16.80 -15.63 -29.09
CA ALA A 151 18.05 -15.78 -29.82
C ALA A 151 17.94 -16.80 -30.95
N GLU A 152 17.21 -17.88 -30.70
CA GLU A 152 17.03 -18.94 -31.68
C GLU A 152 16.35 -18.42 -32.94
N SER A 153 15.65 -17.30 -32.80
CA SER A 153 15.01 -16.67 -33.93
C SER A 153 15.62 -15.29 -34.23
N SER A 154 16.78 -15.04 -33.61
CA SER A 154 17.44 -13.73 -33.66
C SER A 154 16.45 -12.58 -33.49
N VAL A 155 15.60 -12.71 -32.49
CA VAL A 155 14.73 -11.63 -32.04
C VAL A 155 15.50 -10.80 -31.01
N PRO A 156 15.64 -9.50 -31.26
CA PRO A 156 16.34 -8.63 -30.30
C PRO A 156 15.66 -8.60 -28.94
N VAL A 157 16.48 -8.64 -27.89
CA VAL A 157 16.01 -8.67 -26.50
C VAL A 157 16.30 -7.39 -25.71
N TRP A 158 15.26 -6.85 -25.09
CA TRP A 158 15.39 -5.71 -24.20
C TRP A 158 15.25 -6.18 -22.75
N PHE A 159 16.27 -5.95 -21.93
CA PHE A 159 16.22 -6.28 -20.51
C PHE A 159 16.02 -5.04 -19.65
N GLU A 160 14.90 -5.00 -18.92
CA GLU A 160 14.65 -3.93 -17.94
C GLU A 160 15.01 -4.39 -16.54
N PRO A 161 15.98 -3.69 -15.94
CA PRO A 161 16.64 -4.04 -14.69
C PRO A 161 15.72 -3.94 -13.45
N VAL A 162 14.65 -3.15 -13.53
CA VAL A 162 13.61 -3.00 -12.49
C VAL A 162 14.03 -2.31 -11.18
N SER A 163 15.10 -2.79 -10.56
CA SER A 163 15.53 -2.23 -9.30
C SER A 163 16.99 -2.56 -9.11
N VAL A 164 17.65 -1.88 -8.15
CA VAL A 164 19.06 -2.17 -7.91
C VAL A 164 19.28 -3.68 -7.66
N THR A 165 18.46 -4.26 -6.80
CA THR A 165 18.57 -5.67 -6.43
C THR A 165 18.36 -6.61 -7.62
N LYS A 166 17.24 -6.46 -8.30
CA LYS A 166 16.89 -7.40 -9.34
C LYS A 166 17.70 -7.22 -10.63
N SER A 167 18.33 -6.06 -10.80
CA SER A 167 19.10 -5.77 -12.00
C SER A 167 20.27 -6.73 -12.16
N GLN A 168 20.69 -7.32 -11.06
CA GLN A 168 21.83 -8.21 -11.14
C GLN A 168 21.49 -9.51 -11.87
N ARG A 169 20.20 -9.73 -12.14
CA ARG A 169 19.83 -10.89 -12.92
C ARG A 169 20.27 -10.80 -14.39
N ILE A 170 20.83 -9.66 -14.81
CA ILE A 170 21.48 -9.59 -16.11
C ILE A 170 22.58 -10.65 -16.20
N ALA A 171 23.10 -11.09 -15.05
CA ALA A 171 24.34 -11.87 -15.02
C ALA A 171 24.26 -13.15 -15.85
N SER A 172 23.14 -13.84 -15.79
CA SER A 172 23.06 -15.15 -16.45
C SER A 172 22.64 -15.07 -17.91
N ILE A 173 22.33 -13.87 -18.41
CA ILE A 173 21.81 -13.75 -19.76
C ILE A 173 22.48 -12.68 -20.63
N ALA A 174 23.54 -12.04 -20.12
CA ALA A 174 24.08 -10.85 -20.78
C ALA A 174 24.38 -11.07 -22.27
N LYS A 175 24.90 -12.24 -22.61
CA LYS A 175 25.27 -12.50 -24.01
C LYS A 175 24.04 -12.54 -24.91
N TYR A 176 22.86 -12.75 -24.33
CA TYR A 176 21.64 -12.78 -25.13
C TYR A 176 20.94 -11.42 -25.27
N VAL A 177 21.39 -10.43 -24.51
CA VAL A 177 20.63 -9.20 -24.40
C VAL A 177 21.11 -8.15 -25.41
N THR A 178 20.19 -7.56 -26.14
CA THR A 178 20.55 -6.54 -27.12
C THR A 178 20.62 -5.17 -26.48
N ILE A 179 19.60 -4.84 -25.69
CA ILE A 179 19.47 -3.51 -25.10
C ILE A 179 19.14 -3.60 -23.61
N VAL A 180 19.74 -2.73 -22.80
CA VAL A 180 19.33 -2.58 -21.42
C VAL A 180 19.07 -1.11 -21.12
N SER A 181 18.16 -0.85 -20.18
CA SER A 181 17.78 0.50 -19.83
C SER A 181 17.90 0.85 -18.33
N PRO A 182 19.07 0.66 -17.72
CA PRO A 182 19.17 1.01 -16.28
C PRO A 182 19.23 2.51 -15.99
N ASN A 183 18.83 2.94 -14.78
CA ASN A 183 19.25 4.26 -14.26
C ASN A 183 20.68 4.14 -13.70
N GLN A 184 21.22 5.22 -13.14
CA GLN A 184 22.61 5.21 -12.69
C GLN A 184 22.85 4.14 -11.63
N ASP A 185 21.89 3.94 -10.73
CA ASP A 185 22.11 3.00 -9.65
C ASP A 185 22.07 1.58 -10.15
N GLU A 186 21.15 1.30 -11.06
CA GLU A 186 21.03 -0.07 -11.57
C GLU A 186 22.22 -0.40 -12.46
N LEU A 187 22.74 0.58 -13.19
CA LEU A 187 23.89 0.34 -14.06
C LEU A 187 25.07 -0.22 -13.25
N ILE A 188 25.35 0.44 -12.13
CA ILE A 188 26.42 0.06 -11.20
C ILE A 188 26.26 -1.39 -10.66
N ALA A 189 25.06 -1.71 -10.21
CA ALA A 189 24.78 -3.03 -9.70
C ALA A 189 24.94 -4.06 -10.81
N MET A 190 24.52 -3.71 -12.03
CA MET A 190 24.65 -4.64 -13.14
C MET A 190 26.11 -4.86 -13.47
N ALA A 191 26.89 -3.79 -13.41
CA ALA A 191 28.32 -3.93 -13.71
C ALA A 191 29.00 -4.80 -12.65
N ASN A 192 28.58 -4.65 -11.39
CA ASN A 192 29.17 -5.44 -10.31
C ASN A 192 28.82 -6.93 -10.44
N ALA A 193 27.59 -7.21 -10.87
CA ALA A 193 27.11 -8.57 -11.12
C ALA A 193 27.92 -9.22 -12.21
N LEU A 194 28.21 -8.47 -13.27
CA LEU A 194 28.88 -9.06 -14.43
C LEU A 194 30.37 -9.19 -14.15
N CYS A 195 30.89 -8.44 -13.19
CA CYS A 195 32.30 -8.56 -12.83
C CYS A 195 32.42 -9.61 -11.72
N ALA A 196 31.28 -10.03 -11.19
CA ALA A 196 31.20 -10.93 -10.04
C ALA A 196 31.97 -10.34 -8.84
N LYS A 197 31.94 -9.01 -8.74
CA LYS A 197 32.68 -8.24 -7.74
C LYS A 197 32.02 -6.91 -7.39
N ASN A 198 32.19 -6.47 -6.15
CA ASN A 198 31.64 -5.17 -5.78
C ASN A 198 32.66 -4.09 -6.10
N LEU A 199 32.98 -3.92 -7.39
CA LEU A 199 33.97 -2.93 -7.81
C LEU A 199 33.41 -1.50 -7.86
N PHE A 200 32.19 -1.36 -8.36
CA PHE A 200 31.65 -0.03 -8.64
C PHE A 200 30.70 0.47 -7.55
N HIS A 201 30.74 1.77 -7.29
CA HIS A 201 29.91 2.34 -6.25
C HIS A 201 28.96 3.43 -6.73
N PRO A 202 27.82 3.58 -6.04
CA PRO A 202 26.77 4.57 -6.37
C PRO A 202 27.17 5.98 -5.95
N PHE A 203 26.47 6.98 -6.48
CA PHE A 203 26.75 8.38 -6.14
C PHE A 203 25.57 9.11 -5.50
N LEU A 210 26.68 18.43 -10.88
CA LEU A 210 27.75 17.76 -11.62
C LEU A 210 27.52 17.83 -13.13
N SER A 211 28.61 17.90 -13.89
CA SER A 211 28.59 17.94 -15.37
C SER A 211 28.12 16.66 -16.05
N ILE A 212 27.56 16.78 -17.25
CA ILE A 212 27.13 15.59 -18.01
C ILE A 212 28.37 14.81 -18.41
N GLU A 213 29.41 15.56 -18.75
CA GLU A 213 30.66 14.98 -19.18
C GLU A 213 31.33 14.19 -18.07
N ASP A 214 31.29 14.72 -16.85
CA ASP A 214 31.92 14.06 -15.72
C ASP A 214 31.09 12.88 -15.31
N MET A 215 29.78 13.02 -15.45
CA MET A 215 28.85 11.97 -15.10
C MET A 215 29.06 10.78 -16.05
N PHE A 216 29.39 11.07 -17.30
CA PHE A 216 29.70 10.04 -18.25
C PHE A 216 31.03 9.38 -17.96
N ARG A 217 32.04 10.20 -17.68
CA ARG A 217 33.35 9.68 -17.37
C ARG A 217 33.26 8.81 -16.11
N ALA A 218 32.41 9.22 -15.19
CA ALA A 218 32.16 8.46 -13.99
C ALA A 218 31.57 7.09 -14.30
N LEU A 219 30.63 7.02 -15.25
CA LEU A 219 29.90 5.78 -15.51
C LEU A 219 30.55 4.90 -16.59
N LYS A 220 31.47 5.49 -17.33
CA LYS A 220 32.06 4.82 -18.50
C LYS A 220 32.63 3.41 -18.23
N PRO A 221 33.40 3.23 -17.13
CA PRO A 221 33.91 1.87 -16.89
C PRO A 221 32.79 0.85 -16.71
N ALA A 222 31.79 1.18 -15.89
CA ALA A 222 30.63 0.33 -15.72
C ALA A 222 29.94 -0.02 -17.05
N ILE A 223 29.76 0.97 -17.90
CA ILE A 223 29.12 0.75 -19.19
C ILE A 223 29.90 -0.25 -20.00
N LEU A 224 31.23 -0.10 -19.94
CA LEU A 224 32.12 -0.93 -20.70
C LEU A 224 32.01 -2.38 -20.22
N VAL A 225 31.85 -2.59 -18.92
CA VAL A 225 31.69 -3.95 -18.42
C VAL A 225 30.48 -4.60 -19.11
N LEU A 226 29.37 -3.86 -19.23
CA LEU A 226 28.18 -4.40 -19.86
C LEU A 226 28.43 -4.74 -21.34
N LEU A 227 29.05 -3.82 -22.07
CA LEU A 227 29.31 -4.05 -23.50
C LEU A 227 30.28 -5.23 -23.69
N LYS A 228 31.26 -5.35 -22.81
CA LYS A 228 32.25 -6.43 -22.96
C LYS A 228 31.60 -7.78 -22.72
N ASN A 229 30.49 -7.81 -22.01
CA ASN A 229 29.83 -9.07 -21.72
C ASN A 229 28.73 -9.42 -22.70
N GLY A 230 28.60 -8.63 -23.78
CA GLY A 230 27.70 -8.97 -24.86
C GLY A 230 26.49 -8.07 -25.06
N VAL A 231 26.23 -7.16 -24.13
CA VAL A 231 25.14 -6.22 -24.33
C VAL A 231 25.50 -5.28 -25.47
N LYS A 232 24.62 -5.11 -26.44
CA LYS A 232 24.95 -4.30 -27.61
C LYS A 232 24.68 -2.82 -27.37
N VAL A 233 23.61 -2.52 -26.63
CA VAL A 233 23.22 -1.14 -26.35
C VAL A 233 22.88 -0.89 -24.88
N VAL A 234 23.50 0.13 -24.31
CA VAL A 234 23.23 0.52 -22.94
C VAL A 234 22.63 1.92 -22.91
N ILE A 235 21.39 2.02 -22.46
CA ILE A 235 20.77 3.32 -22.19
C ILE A 235 20.76 3.57 -20.70
N VAL A 236 21.46 4.61 -20.29
CA VAL A 236 21.42 5.01 -18.88
C VAL A 236 20.49 6.20 -18.71
N THR A 237 19.41 6.01 -17.98
CA THR A 237 18.49 7.11 -17.76
C THR A 237 19.01 7.92 -16.57
N LEU A 238 18.97 9.24 -16.72
CA LEU A 238 19.52 10.20 -15.77
C LEU A 238 18.45 11.15 -15.22
N GLY A 239 17.22 10.67 -15.04
CA GLY A 239 16.13 11.52 -14.57
C GLY A 239 16.03 12.86 -15.30
N SER A 240 16.06 13.96 -14.54
CA SER A 240 15.86 15.28 -15.15
C SER A 240 17.00 15.68 -16.07
N ASN A 241 18.08 14.89 -16.11
CA ASN A 241 19.19 15.18 -17.02
C ASN A 241 19.16 14.38 -18.32
N GLY A 242 18.05 13.69 -18.55
CA GLY A 242 17.81 12.96 -19.79
C GLY A 242 18.33 11.54 -19.82
N ALA A 243 19.13 11.21 -20.84
CA ALA A 243 19.61 9.85 -20.98
C ALA A 243 20.94 9.80 -21.74
N LEU A 244 21.77 8.82 -21.41
CA LEU A 244 22.95 8.52 -22.20
C LEU A 244 22.60 7.35 -23.09
N LEU A 245 23.05 7.40 -24.33
CA LEU A 245 22.92 6.27 -25.23
C LEU A 245 24.33 5.78 -25.56
N CYS A 246 24.65 4.55 -25.18
CA CYS A 246 25.96 3.98 -25.50
C CYS A 246 25.79 2.66 -26.20
N SER A 247 26.67 2.37 -27.15
CA SER A 247 26.56 1.12 -27.89
C SER A 247 27.89 0.58 -28.38
N LYS A 248 27.88 -0.71 -28.65
CA LYS A 248 28.93 -1.40 -29.39
C LYS A 248 28.69 -1.09 -30.86
N GLY A 249 29.59 -0.32 -31.47
CA GLY A 249 29.42 0.06 -32.87
C GLY A 249 28.35 1.12 -33.07
N ASN A 250 28.11 1.45 -34.33
CA ASN A 250 27.10 2.42 -34.71
C ASN A 250 25.76 2.06 -34.07
N PRO A 251 25.13 3.00 -33.35
CA PRO A 251 23.89 2.65 -32.64
C PRO A 251 22.72 2.34 -33.56
N LYS A 252 22.66 2.99 -34.71
CA LYS A 252 21.63 2.69 -35.69
C LYS A 252 21.75 1.24 -36.17
N LYS A 253 22.99 0.73 -36.17
CA LYS A 253 23.28 -0.59 -36.72
C LYS A 253 23.59 -1.58 -35.59
N ALA A 254 22.82 -1.46 -34.51
CA ALA A 254 22.96 -2.35 -33.35
C ALA A 254 21.88 -3.43 -33.33
N LEU A 255 20.70 -3.11 -33.83
CA LEU A 255 19.62 -4.08 -34.00
C LEU A 255 19.56 -4.65 -35.41
N LEU A 262 5.74 -5.90 -43.40
CA LEU A 262 4.85 -4.93 -42.78
C LEU A 262 5.36 -3.50 -43.01
N ARG A 263 4.45 -2.54 -43.02
CA ARG A 263 4.81 -1.16 -43.29
C ARG A 263 4.50 -0.24 -42.11
N SER A 264 5.28 0.82 -41.97
CA SER A 264 5.23 1.72 -40.81
C SER A 264 3.86 2.39 -40.61
N GLY A 265 3.58 2.70 -39.35
CA GLY A 265 2.35 3.37 -38.95
C GLY A 265 2.57 4.87 -38.85
N GLU A 266 1.85 5.52 -37.95
CA GLU A 266 1.81 6.98 -37.92
C GLU A 266 2.89 7.57 -37.02
N VAL A 267 3.27 6.82 -35.99
CA VAL A 267 4.33 7.25 -35.08
C VAL A 267 5.58 7.50 -35.90
N PHE A 268 5.96 6.50 -36.69
CA PHE A 268 7.03 6.65 -37.67
C PHE A 268 6.90 7.96 -38.45
N LYS A 269 5.74 8.16 -39.09
CA LYS A 269 5.63 9.19 -40.12
C LYS A 269 6.05 10.56 -39.60
N ARG A 270 5.35 11.05 -38.58
CA ARG A 270 5.63 12.37 -38.02
C ARG A 270 7.08 12.52 -37.55
N VAL A 271 7.57 11.55 -36.77
CA VAL A 271 8.93 11.60 -36.26
C VAL A 271 9.99 11.49 -37.35
N GLN A 272 9.76 10.62 -38.34
CA GLN A 272 10.71 10.45 -39.44
C GLN A 272 10.90 11.75 -40.22
N SER A 273 9.83 12.52 -40.33
CA SER A 273 9.86 13.81 -41.03
C SER A 273 10.62 14.91 -40.29
N VAL A 274 10.62 14.86 -38.97
CA VAL A 274 11.19 15.95 -38.20
C VAL A 274 12.48 15.55 -37.50
N CYS A 275 12.66 14.27 -37.22
CA CYS A 275 13.93 13.77 -36.73
C CYS A 275 14.66 13.09 -37.87
N SER A 276 15.30 13.89 -38.71
CA SER A 276 15.96 13.36 -39.90
C SER A 276 17.09 12.41 -39.55
N PRO A 277 17.17 11.29 -40.28
CA PRO A 277 18.25 10.32 -40.06
C PRO A 277 19.60 10.90 -40.47
N ASN A 278 19.55 11.97 -41.25
CA ASN A 278 20.76 12.62 -41.73
C ASN A 278 21.19 13.75 -40.84
N ARG A 279 20.74 13.75 -39.58
CA ARG A 279 21.10 14.85 -38.67
C ARG A 279 22.53 14.70 -38.15
N PHE A 280 22.95 13.46 -37.89
CA PHE A 280 24.22 13.29 -37.21
C PHE A 280 25.37 12.89 -38.15
N SER A 281 26.48 13.60 -38.03
CA SER A 281 27.68 13.38 -38.87
C SER A 281 28.24 11.97 -38.73
N GLU A 282 28.22 11.24 -39.85
CA GLU A 282 28.75 9.88 -39.95
C GLU A 282 28.16 8.93 -38.90
N SER A 288 30.80 0.33 -35.94
CA SER A 288 32.04 1.01 -36.28
C SER A 288 32.92 1.31 -35.04
N PRO A 289 32.50 2.22 -34.13
CA PRO A 289 33.43 2.40 -33.01
C PRO A 289 33.13 1.48 -31.82
N SER A 290 34.18 1.01 -31.14
CA SER A 290 34.00 0.10 -30.00
C SER A 290 32.99 0.70 -29.02
N LEU A 291 33.24 1.94 -28.60
CA LEU A 291 32.28 2.66 -27.78
C LEU A 291 31.71 3.88 -28.49
N PHE A 292 30.40 3.88 -28.70
CA PHE A 292 29.67 5.04 -29.16
C PHE A 292 28.91 5.58 -27.96
N ALA A 293 28.98 6.89 -27.71
CA ALA A 293 28.21 7.49 -26.62
C ALA A 293 27.62 8.84 -27.00
N MET A 294 26.33 9.02 -26.73
CA MET A 294 25.70 10.33 -26.94
C MET A 294 24.78 10.68 -25.79
N HIS A 295 24.67 11.97 -25.51
CA HIS A 295 23.75 12.40 -24.47
C HIS A 295 22.47 12.96 -25.04
N PHE A 296 21.36 12.49 -24.50
CA PHE A 296 20.03 13.02 -24.83
C PHE A 296 19.46 13.85 -23.69
N PRO A 297 19.21 15.15 -23.95
CA PRO A 297 18.53 16.00 -22.97
C PRO A 297 17.07 15.61 -22.82
N THR A 298 16.45 15.91 -21.68
CA THR A 298 15.00 15.83 -21.61
C THR A 298 14.48 17.26 -21.69
N ILE A 299 13.18 17.43 -21.44
CA ILE A 299 12.47 18.69 -21.61
C ILE A 299 11.93 19.17 -20.28
N PRO A 300 11.94 20.49 -20.02
CA PRO A 300 11.32 21.04 -18.81
C PRO A 300 9.92 20.47 -18.62
N ALA A 301 9.64 20.01 -17.40
CA ALA A 301 8.39 19.35 -17.14
C ALA A 301 7.83 19.70 -15.76
N LYS A 302 6.52 19.82 -15.68
CA LYS A 302 5.84 19.98 -14.40
C LYS A 302 5.55 18.61 -13.83
N VAL A 303 6.34 18.21 -12.84
CA VAL A 303 6.29 16.87 -12.31
C VAL A 303 5.07 16.62 -11.44
N LYS A 304 4.33 15.58 -11.73
CA LYS A 304 3.25 15.14 -10.86
C LYS A 304 3.66 13.85 -10.15
N LYS A 305 4.15 12.88 -10.91
CA LYS A 305 4.75 11.69 -10.30
C LYS A 305 5.83 11.06 -11.18
N LEU A 306 7.03 10.93 -10.62
CA LEU A 306 8.17 10.41 -11.35
C LEU A 306 8.05 8.92 -11.63
N THR A 307 7.33 8.21 -10.76
CA THR A 307 7.31 6.75 -10.80
C THR A 307 6.82 6.20 -12.11
N GLY A 308 7.64 5.38 -12.76
CA GLY A 308 7.25 4.75 -14.00
C GLY A 308 7.65 5.50 -15.27
N ALA A 309 8.27 6.67 -15.13
CA ALA A 309 8.73 7.38 -16.32
C ALA A 309 9.73 6.54 -17.15
N GLY A 310 10.66 5.87 -16.48
CA GLY A 310 11.64 5.04 -17.16
C GLY A 310 10.95 3.95 -17.97
N ASP A 311 9.85 3.45 -17.42
CA ASP A 311 9.08 2.40 -18.08
C ASP A 311 8.43 2.96 -19.35
N CYS A 312 8.01 4.22 -19.31
CA CYS A 312 7.43 4.81 -20.51
C CYS A 312 8.50 5.20 -21.51
N LEU A 313 9.73 5.44 -21.04
CA LEU A 313 10.85 5.63 -21.95
C LEU A 313 11.08 4.34 -22.73
N VAL A 314 11.10 3.22 -22.02
CA VAL A 314 11.20 1.94 -22.69
C VAL A 314 10.05 1.74 -23.65
N GLY A 315 8.81 1.94 -23.20
CA GLY A 315 7.69 1.68 -24.10
C GLY A 315 7.68 2.55 -25.34
N GLY A 316 7.93 3.84 -25.16
CA GLY A 316 8.06 4.74 -26.30
C GLY A 316 9.17 4.31 -27.27
N THR A 317 10.31 3.84 -26.74
CA THR A 317 11.41 3.43 -27.61
C THR A 317 11.04 2.15 -28.37
N VAL A 318 10.45 1.19 -27.68
CA VAL A 318 10.06 -0.07 -28.32
C VAL A 318 8.95 0.14 -29.36
N ALA A 319 8.03 1.05 -29.05
CA ALA A 319 6.97 1.38 -29.99
C ALA A 319 7.57 1.91 -31.30
N SER A 320 8.49 2.85 -31.18
CA SER A 320 9.09 3.49 -32.33
C SER A 320 9.90 2.50 -33.16
N LEU A 321 10.63 1.62 -32.47
CA LEU A 321 11.42 0.57 -33.10
C LEU A 321 10.51 -0.41 -33.82
N SER A 322 9.41 -0.78 -33.17
CA SER A 322 8.43 -1.67 -33.80
C SER A 322 7.87 -1.04 -35.07
N ASP A 323 7.78 0.29 -35.07
CA ASP A 323 7.20 0.95 -36.23
C ASP A 323 8.24 1.34 -37.26
N GLY A 324 9.49 0.94 -37.06
CA GLY A 324 10.49 1.10 -38.10
C GLY A 324 11.48 2.23 -37.94
N LEU A 325 11.34 3.03 -36.89
CA LEU A 325 12.29 4.13 -36.66
C LEU A 325 13.66 3.58 -36.28
N ASP A 326 14.73 4.34 -36.50
CA ASP A 326 16.03 3.86 -36.06
C ASP A 326 16.13 4.14 -34.56
N LEU A 327 17.19 3.62 -33.93
CA LEU A 327 17.31 3.68 -32.47
C LEU A 327 17.44 5.09 -31.93
N ILE A 328 18.11 5.97 -32.66
CA ILE A 328 18.31 7.34 -32.17
C ILE A 328 16.99 8.14 -32.20
N GLN A 329 16.24 8.03 -33.30
CA GLN A 329 14.90 8.59 -33.36
C GLN A 329 13.98 7.97 -32.32
N SER A 330 14.13 6.66 -32.09
CA SER A 330 13.29 5.94 -31.14
C SER A 330 13.50 6.38 -29.68
N LEU A 331 14.74 6.61 -29.29
CA LEU A 331 15.02 7.04 -27.91
C LEU A 331 14.47 8.44 -27.66
N ALA A 332 14.55 9.31 -28.68
CA ALA A 332 13.95 10.64 -28.60
C ALA A 332 12.46 10.54 -28.31
N VAL A 333 11.75 9.65 -28.98
CA VAL A 333 10.33 9.39 -28.66
C VAL A 333 10.18 8.83 -27.24
N GLY A 334 11.07 7.92 -26.84
CA GLY A 334 11.00 7.35 -25.50
C GLY A 334 11.08 8.45 -24.44
N ILE A 335 11.99 9.39 -24.67
CA ILE A 335 12.16 10.49 -23.76
C ILE A 335 10.95 11.44 -23.77
N ALA A 336 10.38 11.68 -24.96
CA ALA A 336 9.13 12.45 -25.05
C ALA A 336 8.02 11.78 -24.23
N SER A 337 7.91 10.46 -24.39
CA SER A 337 6.93 9.63 -23.67
C SER A 337 7.16 9.64 -22.17
N ALA A 338 8.42 9.60 -21.76
CA ALA A 338 8.75 9.64 -20.35
C ALA A 338 8.41 11.02 -19.76
N LYS A 339 8.58 12.09 -20.54
CA LYS A 339 8.16 13.42 -20.10
C LYS A 339 6.66 13.52 -19.89
N ALA A 340 5.90 13.04 -20.88
CA ALA A 340 4.45 13.00 -20.74
C ALA A 340 4.10 12.21 -19.47
N ALA A 341 4.84 11.14 -19.20
CA ALA A 341 4.57 10.33 -18.01
C ALA A 341 4.85 11.08 -16.69
N VAL A 342 5.95 11.83 -16.60
CA VAL A 342 6.22 12.52 -15.34
C VAL A 342 5.17 13.62 -15.12
N GLU A 343 4.66 14.22 -16.20
CA GLU A 343 3.67 15.28 -16.09
C GLU A 343 2.28 14.72 -15.85
N SER A 344 2.21 13.46 -15.44
CA SER A 344 0.94 12.84 -15.08
C SER A 344 1.04 12.26 -13.67
N ASP A 345 -0.11 12.13 -13.00
CA ASP A 345 -0.09 11.62 -11.64
C ASP A 345 -0.04 10.09 -11.61
N ASP A 346 -0.31 9.43 -12.74
CA ASP A 346 -0.21 7.97 -12.82
C ASP A 346 1.16 7.53 -13.28
N ASN A 347 1.42 6.23 -13.20
CA ASN A 347 2.62 5.65 -13.79
C ASN A 347 2.65 5.90 -15.30
N VAL A 348 1.55 5.58 -15.97
CA VAL A 348 1.44 5.76 -17.40
C VAL A 348 0.25 6.68 -17.68
N PRO A 349 0.45 7.74 -18.48
CA PRO A 349 -0.63 8.70 -18.75
C PRO A 349 -1.90 8.03 -19.25
N PRO A 350 -3.08 8.61 -18.96
CA PRO A 350 -4.34 8.09 -19.50
C PRO A 350 -4.33 8.03 -21.02
N GLU A 351 -3.68 9.02 -21.63
CA GLU A 351 -3.52 9.05 -23.08
C GLU A 351 -2.25 9.80 -23.49
N PHE A 352 -1.85 9.60 -24.75
CA PHE A 352 -0.73 10.32 -25.36
C PHE A 352 -1.18 11.19 -26.53
N LYS A 353 -0.80 12.46 -26.49
CA LYS A 353 -1.00 13.37 -27.61
C LYS A 353 0.18 13.37 -28.59
N LEU A 354 -0.01 12.72 -29.74
CA LEU A 354 1.05 12.53 -30.71
C LEU A 354 1.61 13.86 -31.19
N ASP A 355 0.78 14.88 -31.04
CA ASP A 355 1.15 16.26 -31.24
C ASP A 355 2.36 16.60 -30.36
N LEU A 356 2.19 16.47 -29.04
CA LEU A 356 3.25 16.78 -28.11
C LEU A 356 4.37 15.75 -28.17
N ILE A 357 4.02 14.48 -28.38
CA ILE A 357 5.05 13.44 -28.40
C ILE A 357 6.05 13.71 -29.51
N SER A 358 5.58 13.89 -30.75
CA SER A 358 6.48 14.14 -31.88
C SER A 358 7.20 15.48 -31.73
N GLY A 359 6.49 16.48 -31.21
CA GLY A 359 7.10 17.79 -31.02
C GLY A 359 8.23 17.72 -30.01
N ASP A 360 7.97 17.12 -28.85
CA ASP A 360 9.00 16.93 -27.85
C ASP A 360 10.15 16.05 -28.34
N ALA A 361 9.81 15.01 -29.09
CA ALA A 361 10.84 14.11 -29.60
C ALA A 361 11.81 14.92 -30.44
N GLU A 362 11.30 15.82 -31.26
CA GLU A 362 12.19 16.65 -32.07
C GLU A 362 13.07 17.53 -31.19
N LEU A 363 12.48 18.14 -30.17
CA LEU A 363 13.23 18.93 -29.19
C LEU A 363 14.39 18.14 -28.60
N VAL A 364 14.10 16.92 -28.16
CA VAL A 364 15.14 16.06 -27.59
C VAL A 364 16.18 15.65 -28.63
N TYR A 365 15.69 15.21 -29.79
CA TYR A 365 16.53 14.75 -30.88
C TYR A 365 17.49 15.84 -31.35
N ASN A 366 16.98 17.06 -31.52
CA ASN A 366 17.83 18.15 -32.01
C ASN A 366 18.83 18.63 -30.97
N GLY A 367 18.53 18.39 -29.69
CA GLY A 367 19.44 18.75 -28.62
C GLY A 367 20.51 17.71 -28.27
N ALA A 368 20.43 16.53 -28.88
CA ALA A 368 21.37 15.44 -28.55
C ALA A 368 22.84 15.73 -28.96
N LYS A 369 23.77 15.30 -28.12
CA LYS A 369 25.22 15.58 -28.24
C LYS A 369 26.10 14.34 -28.15
N MET A 370 27.02 14.21 -29.10
CA MET A 370 28.04 13.19 -29.09
C MET A 370 28.98 13.45 -27.92
N LEU A 371 29.35 12.41 -27.17
CA LEU A 371 30.14 12.57 -25.95
C LEU A 371 31.65 12.47 -26.05
N MET A 372 32.16 11.56 -26.87
CA MET A 372 33.60 11.40 -26.98
C MET A 372 34.12 12.10 -28.22
N VAL A 373 34.18 13.42 -28.14
CA VAL A 373 34.56 14.26 -29.26
C VAL A 373 35.92 14.92 -29.04
N MET B 1 -33.04 -5.21 16.59
CA MET B 1 -32.58 -3.89 17.04
C MET B 1 -31.05 -3.86 17.17
N GLU B 2 -30.37 -4.28 16.12
CA GLU B 2 -28.92 -4.46 16.11
C GLU B 2 -28.11 -3.27 16.62
N PRO B 3 -26.93 -3.55 17.20
CA PRO B 3 -26.02 -2.46 17.57
C PRO B 3 -25.51 -1.72 16.33
N VAL B 4 -25.38 -0.41 16.42
CA VAL B 4 -24.96 0.38 15.28
C VAL B 4 -23.51 0.85 15.47
N ILE B 5 -22.68 0.56 14.49
CA ILE B 5 -21.26 0.90 14.55
C ILE B 5 -20.99 1.94 13.49
N ILE B 6 -20.52 3.10 13.92
CA ILE B 6 -20.23 4.19 12.99
C ILE B 6 -18.75 4.56 13.05
N GLY B 7 -18.07 4.51 11.92
CA GLY B 7 -16.68 4.93 11.92
C GLY B 7 -15.92 4.56 10.68
N ALA B 8 -14.62 4.35 10.87
CA ALA B 8 -13.73 4.18 9.74
C ALA B 8 -13.70 2.74 9.25
N LEU B 9 -13.80 2.58 7.94
CA LEU B 9 -13.35 1.37 7.25
C LEU B 9 -12.04 1.74 6.56
N ILE B 10 -10.95 1.10 6.95
CA ILE B 10 -9.64 1.45 6.42
C ILE B 10 -8.93 0.22 5.83
N LEU B 11 -8.24 0.41 4.71
CA LEU B 11 -7.35 -0.63 4.20
C LEU B 11 -5.95 -0.45 4.78
N ASP B 12 -5.52 -1.45 5.55
CA ASP B 12 -4.16 -1.46 6.12
C ASP B 12 -3.22 -2.14 5.10
N VAL B 13 -2.10 -1.49 4.82
CA VAL B 13 -1.06 -2.08 4.00
C VAL B 13 0.20 -2.26 4.82
N HIS B 14 0.65 -3.51 4.91
CA HIS B 14 1.83 -3.88 5.68
C HIS B 14 2.97 -4.35 4.76
N ALA B 15 4.06 -3.60 4.71
CA ALA B 15 5.19 -3.91 3.84
C ALA B 15 6.42 -4.33 4.65
N LYS B 16 6.73 -5.63 4.62
CA LYS B 16 7.87 -6.15 5.37
C LYS B 16 9.04 -6.53 4.47
N PRO B 17 10.13 -5.74 4.48
CA PRO B 17 11.24 -5.96 3.56
C PRO B 17 12.18 -7.09 3.99
N SER B 18 12.74 -7.76 3.00
CA SER B 18 13.68 -8.85 3.25
C SER B 18 15.06 -8.28 3.57
N THR B 19 15.34 -7.09 3.06
CA THR B 19 16.55 -6.34 3.43
C THR B 19 16.19 -4.91 3.78
N THR B 20 17.17 -4.19 4.33
CA THR B 20 16.97 -2.81 4.74
C THR B 20 16.48 -1.96 3.57
N PRO B 21 15.34 -1.29 3.76
CA PRO B 21 14.81 -0.40 2.73
C PRO B 21 15.85 0.62 2.29
N ILE B 22 15.99 0.77 0.98
CA ILE B 22 16.93 1.72 0.41
C ILE B 22 16.18 2.80 -0.34
N SER B 23 16.56 4.05 -0.12
CA SER B 23 15.92 5.17 -0.81
C SER B 23 16.24 5.14 -2.31
N GLY B 24 15.24 5.48 -3.12
CA GLY B 24 15.46 5.57 -4.55
C GLY B 24 15.09 4.30 -5.27
N THR B 25 14.84 3.24 -4.52
CA THR B 25 14.57 1.96 -5.16
C THR B 25 13.64 1.11 -4.29
N THR B 26 13.17 0.00 -4.86
CA THR B 26 12.39 -0.99 -4.11
C THR B 26 13.26 -2.19 -3.76
N VAL B 27 13.02 -2.80 -2.61
CA VAL B 27 13.70 -4.04 -2.23
C VAL B 27 12.64 -5.14 -2.09
N PRO B 28 13.03 -6.41 -2.34
CA PRO B 28 12.07 -7.51 -2.23
C PRO B 28 11.55 -7.64 -0.81
N GLY B 29 10.32 -8.09 -0.68
CA GLY B 29 9.77 -8.32 0.65
C GLY B 29 8.35 -8.80 0.52
N GLN B 30 7.63 -8.77 1.63
CA GLN B 30 6.22 -9.16 1.63
C GLN B 30 5.36 -7.93 1.93
N VAL B 31 4.30 -7.76 1.14
CA VAL B 31 3.38 -6.66 1.28
C VAL B 31 2.02 -7.28 1.45
N LEU B 32 1.34 -6.96 2.55
CA LEU B 32 0.05 -7.62 2.84
C LEU B 32 -1.05 -6.59 3.02
N PHE B 33 -2.24 -6.94 2.56
CA PHE B 33 -3.44 -6.16 2.81
C PHE B 33 -4.18 -6.74 3.99
N ALA B 34 -4.74 -5.88 4.83
CA ALA B 34 -5.66 -6.35 5.86
C ALA B 34 -6.78 -5.34 6.06
N PRO B 35 -8.01 -5.82 6.16
CA PRO B 35 -9.15 -4.96 6.52
C PRO B 35 -8.87 -4.27 7.85
N GLY B 36 -9.02 -2.96 7.90
CA GLY B 36 -8.78 -2.22 9.12
C GLY B 36 -9.83 -1.13 9.33
N GLY B 37 -9.49 -0.15 10.16
CA GLY B 37 -10.45 0.85 10.57
C GLY B 37 -11.01 0.38 11.89
N VAL B 38 -10.89 1.21 12.91
CA VAL B 38 -11.26 0.83 14.25
C VAL B 38 -12.70 0.34 14.31
N ALA B 39 -13.62 1.13 13.76
CA ALA B 39 -15.04 0.75 13.82
C ALA B 39 -15.33 -0.50 13.00
N ARG B 40 -14.69 -0.61 11.83
CA ARG B 40 -14.82 -1.82 11.00
C ARG B 40 -14.31 -3.04 11.77
N ASN B 41 -13.17 -2.88 12.43
CA ASN B 41 -12.61 -3.99 13.22
C ASN B 41 -13.62 -4.39 14.29
N VAL B 42 -14.23 -3.39 14.93
CA VAL B 42 -15.17 -3.68 15.99
C VAL B 42 -16.33 -4.49 15.42
N ALA B 43 -16.89 -4.06 14.29
CA ALA B 43 -18.04 -4.76 13.70
C ALA B 43 -17.70 -6.18 13.35
N ASP B 44 -16.45 -6.34 12.91
CA ASP B 44 -15.90 -7.62 12.49
C ASP B 44 -15.88 -8.60 13.68
N CYS B 45 -15.41 -8.15 14.84
CA CYS B 45 -15.42 -8.98 16.05
C CYS B 45 -16.84 -9.31 16.49
N ILE B 46 -17.72 -8.30 16.44
CA ILE B 46 -19.13 -8.52 16.80
C ILE B 46 -19.74 -9.64 15.92
N PHE B 47 -19.64 -9.49 14.61
CA PHE B 47 -20.17 -10.47 13.67
C PHE B 47 -19.59 -11.87 13.87
N LYS B 48 -18.26 -11.97 14.02
CA LYS B 48 -17.63 -13.27 14.20
C LYS B 48 -17.95 -13.91 15.55
N LEU B 49 -18.56 -13.15 16.46
CA LEU B 49 -19.10 -13.73 17.68
C LEU B 49 -20.59 -13.99 17.56
N GLY B 50 -21.15 -13.79 16.38
CA GLY B 50 -22.52 -14.22 16.14
C GLY B 50 -23.61 -13.17 16.30
N ILE B 51 -23.20 -11.92 16.54
CA ILE B 51 -24.15 -10.81 16.61
C ILE B 51 -24.04 -9.98 15.35
N THR B 52 -25.17 -9.66 14.72
CA THR B 52 -25.15 -8.90 13.49
C THR B 52 -25.23 -7.41 13.76
N PRO B 53 -24.13 -6.67 13.48
CA PRO B 53 -24.08 -5.23 13.67
C PRO B 53 -24.53 -4.48 12.43
N PHE B 54 -24.92 -3.23 12.60
CA PHE B 54 -25.21 -2.37 11.46
C PHE B 54 -24.11 -1.33 11.29
N MET B 55 -23.48 -1.32 10.13
CA MET B 55 -22.34 -0.44 9.91
C MET B 55 -22.69 0.81 9.14
N ILE B 56 -22.29 1.96 9.69
CA ILE B 56 -22.42 3.23 8.99
C ILE B 56 -21.02 3.81 8.80
N GLY B 57 -20.65 4.05 7.54
CA GLY B 57 -19.31 4.51 7.22
C GLY B 57 -19.26 5.08 5.82
N THR B 58 -18.06 5.20 5.27
CA THR B 58 -17.93 5.76 3.93
C THR B 58 -16.75 5.12 3.19
N LEU B 59 -16.91 4.94 1.88
CA LEU B 59 -15.87 4.37 1.02
C LEU B 59 -15.90 5.02 -0.36
N GLY B 60 -14.81 4.89 -1.10
CA GLY B 60 -14.81 5.33 -2.48
C GLY B 60 -15.45 4.26 -3.37
N LEU B 61 -15.55 4.56 -4.65
CA LEU B 61 -15.89 3.57 -5.65
C LEU B 61 -14.62 3.20 -6.38
N ASP B 62 -13.61 2.84 -5.59
CA ASP B 62 -12.27 2.71 -6.10
C ASP B 62 -11.66 1.35 -5.81
N GLY B 63 -10.40 1.24 -6.15
CA GLY B 63 -9.64 0.02 -5.98
C GLY B 63 -9.54 -0.45 -4.54
N PRO B 64 -9.11 0.43 -3.60
CA PRO B 64 -9.02 -0.04 -2.20
C PRO B 64 -10.37 -0.48 -1.65
N ALA B 65 -11.46 0.17 -2.05
CA ALA B 65 -12.79 -0.27 -1.63
C ALA B 65 -13.06 -1.70 -2.11
N ASN B 66 -12.76 -1.94 -3.38
CA ASN B 66 -12.90 -3.27 -3.99
C ASN B 66 -12.19 -4.36 -3.18
N VAL B 67 -10.91 -4.12 -2.86
CA VAL B 67 -10.15 -5.04 -2.03
C VAL B 67 -10.77 -5.13 -0.63
N LEU B 68 -11.10 -3.97 -0.07
CA LEU B 68 -11.59 -3.92 1.30
C LEU B 68 -12.87 -4.72 1.45
N LEU B 69 -13.71 -4.71 0.42
CA LEU B 69 -15.06 -5.28 0.50
C LEU B 69 -15.12 -6.73 0.06
N LYS B 70 -13.98 -7.28 -0.39
CA LYS B 70 -13.90 -8.64 -0.90
C LYS B 70 -14.49 -9.67 0.07
N GLU B 71 -14.23 -9.49 1.37
CA GLU B 71 -14.73 -10.43 2.35
C GLU B 71 -15.81 -9.79 3.25
N TRP B 72 -16.29 -8.61 2.86
CA TRP B 72 -17.35 -7.96 3.63
C TRP B 72 -18.64 -8.68 3.32
N LYS B 73 -19.27 -9.26 4.31
CA LYS B 73 -20.52 -9.96 4.07
C LYS B 73 -21.70 -9.39 4.88
N LEU B 74 -21.57 -8.14 5.33
CA LEU B 74 -22.68 -7.44 5.98
C LEU B 74 -23.39 -6.50 5.00
N SER B 75 -24.50 -5.90 5.43
CA SER B 75 -25.19 -4.94 4.59
C SER B 75 -24.29 -3.74 4.23
N MET B 76 -24.56 -3.12 3.08
CA MET B 76 -23.82 -1.97 2.60
C MET B 76 -24.68 -0.73 2.63
N LYS B 77 -25.93 -0.90 3.06
CA LYS B 77 -26.92 0.18 3.13
C LYS B 77 -26.47 1.45 3.84
N GLY B 78 -25.70 1.28 4.91
CA GLY B 78 -25.26 2.41 5.71
C GLY B 78 -23.97 3.03 5.21
N ILE B 79 -23.41 2.49 4.13
CA ILE B 79 -22.11 2.97 3.67
C ILE B 79 -22.20 3.91 2.47
N LEU B 80 -21.81 5.15 2.69
CA LEU B 80 -21.81 6.18 1.67
C LEU B 80 -20.68 5.96 0.68
N ARG B 81 -21.03 5.68 -0.57
CA ARG B 81 -20.01 5.45 -1.60
C ARG B 81 -20.21 6.43 -2.74
N ARG B 82 -19.12 7.08 -3.15
CA ARG B 82 -19.16 8.08 -4.20
C ARG B 82 -17.86 8.03 -5.01
N GLU B 83 -17.93 8.34 -6.29
CA GLU B 83 -16.76 8.31 -7.15
C GLU B 83 -15.63 9.24 -6.68
N ASP B 84 -15.98 10.36 -6.05
CA ASP B 84 -14.99 11.36 -5.61
C ASP B 84 -14.37 11.08 -4.24
N ILE B 85 -14.74 9.96 -3.62
CA ILE B 85 -14.18 9.61 -2.31
C ILE B 85 -12.98 8.68 -2.45
N SER B 86 -11.87 9.01 -1.78
CA SER B 86 -10.69 8.13 -1.76
C SER B 86 -10.78 7.27 -0.53
N THR B 87 -10.91 5.96 -0.73
CA THR B 87 -10.99 5.01 0.38
C THR B 87 -9.79 5.17 1.30
N PRO B 88 -10.03 5.26 2.63
CA PRO B 88 -8.89 5.40 3.54
C PRO B 88 -7.89 4.24 3.48
N ILE B 89 -6.63 4.60 3.52
CA ILE B 89 -5.56 3.62 3.54
C ILE B 89 -4.54 4.04 4.56
N VAL B 90 -4.09 3.09 5.37
CA VAL B 90 -2.91 3.34 6.18
C VAL B 90 -1.81 2.42 5.63
N SER B 91 -0.67 3.00 5.28
CA SER B 91 0.41 2.22 4.68
C SER B 91 1.66 2.29 5.56
N LEU B 92 2.06 1.13 6.06
CA LEU B 92 3.25 1.03 6.89
C LEU B 92 4.36 0.25 6.17
N VAL B 93 5.57 0.78 6.24
CA VAL B 93 6.79 0.07 5.85
C VAL B 93 7.66 -0.20 7.05
N TYR B 94 7.94 -1.48 7.30
CA TYR B 94 8.74 -1.88 8.44
C TYR B 94 10.22 -1.96 8.10
N ASP B 95 11.08 -1.99 9.12
CA ASP B 95 12.50 -2.30 8.92
C ASP B 95 12.67 -3.82 9.06
N THR B 96 13.90 -4.30 8.92
CA THR B 96 14.10 -5.75 8.92
C THR B 96 13.86 -6.39 10.29
N ASN B 97 13.95 -5.61 11.36
CA ASN B 97 13.69 -6.14 12.69
C ASN B 97 12.27 -5.85 13.15
N GLY B 98 11.36 -5.68 12.19
CA GLY B 98 9.94 -5.66 12.46
C GLY B 98 9.31 -4.43 13.13
N GLU B 99 10.07 -3.35 13.26
CA GLU B 99 9.49 -2.11 13.77
C GLU B 99 9.21 -1.14 12.62
N VAL B 100 8.31 -0.19 12.82
CA VAL B 100 7.94 0.73 11.73
C VAL B 100 9.00 1.76 11.34
N ALA B 101 9.44 1.70 10.08
CA ALA B 101 10.42 2.63 9.53
C ALA B 101 9.79 3.85 8.87
N ALA B 102 8.61 3.68 8.30
CA ALA B 102 7.86 4.78 7.71
C ALA B 102 6.38 4.44 7.59
N GLY B 103 5.52 5.40 7.90
CA GLY B 103 4.08 5.22 7.81
C GLY B 103 3.36 6.43 7.25
N VAL B 104 2.40 6.17 6.36
CA VAL B 104 1.55 7.23 5.86
C VAL B 104 0.07 6.85 5.95
N ALA B 105 -0.73 7.75 6.49
CA ALA B 105 -2.16 7.50 6.62
C ALA B 105 -2.94 8.57 5.86
N GLY B 106 -3.76 8.12 4.91
CA GLY B 106 -4.65 9.01 4.20
C GLY B 106 -6.05 8.56 4.56
N VAL B 107 -6.57 9.09 5.66
CA VAL B 107 -7.88 8.64 6.13
C VAL B 107 -8.85 9.81 6.32
N ASP B 108 -8.59 10.90 5.60
CA ASP B 108 -9.40 12.12 5.65
C ASP B 108 -10.85 11.94 5.19
N ALA B 109 -11.10 10.95 4.35
CA ALA B 109 -12.44 10.75 3.80
C ALA B 109 -13.51 10.61 4.88
N VAL B 110 -13.13 10.09 6.05
CA VAL B 110 -14.13 9.86 7.09
C VAL B 110 -14.68 11.20 7.61
N GLU B 111 -13.77 12.12 7.92
CA GLU B 111 -14.15 13.44 8.43
C GLU B 111 -14.83 14.25 7.35
N ASN B 112 -14.38 14.15 6.10
CA ASN B 112 -14.94 15.03 5.07
C ASN B 112 -16.28 14.54 4.54
N PHE B 113 -16.53 13.23 4.59
CA PHE B 113 -17.74 12.68 3.95
C PHE B 113 -18.73 11.95 4.87
N LEU B 114 -18.27 11.46 6.01
CA LEU B 114 -19.19 10.81 6.92
C LEU B 114 -19.82 11.91 7.77
N THR B 115 -20.76 12.63 7.15
CA THR B 115 -21.32 13.86 7.70
C THR B 115 -22.55 13.62 8.59
N PRO B 116 -22.92 14.64 9.40
CA PRO B 116 -24.19 14.58 10.13
C PRO B 116 -25.35 14.27 9.18
N GLU B 117 -25.32 14.86 8.00
CA GLU B 117 -26.38 14.67 7.02
C GLU B 117 -26.55 13.21 6.63
N TRP B 118 -25.44 12.51 6.38
CA TRP B 118 -25.52 11.08 6.06
C TRP B 118 -26.04 10.28 7.24
N ILE B 119 -25.51 10.60 8.43
CA ILE B 119 -25.83 9.87 9.64
C ILE B 119 -27.32 9.99 9.97
N GLN B 120 -27.89 11.17 9.70
CA GLN B 120 -29.29 11.45 9.99
C GLN B 120 -30.24 10.62 9.13
N ARG B 121 -29.75 10.15 7.98
CA ARG B 121 -30.50 9.19 7.18
C ARG B 121 -30.87 7.90 7.94
N PHE B 122 -30.08 7.54 8.95
CA PHE B 122 -30.28 6.29 9.68
C PHE B 122 -30.69 6.52 11.12
N GLU B 123 -31.39 7.62 11.35
CA GLU B 123 -31.99 7.92 12.65
C GLU B 123 -32.81 6.74 13.15
N TYR B 124 -33.51 6.06 12.25
CA TYR B 124 -34.31 4.91 12.65
C TYR B 124 -33.44 3.83 13.29
N ASN B 125 -32.36 3.46 12.60
CA ASN B 125 -31.47 2.42 13.10
C ASN B 125 -30.83 2.79 14.42
N ILE B 126 -30.45 4.06 14.55
CA ILE B 126 -29.75 4.52 15.73
C ILE B 126 -30.69 4.52 16.92
N SER B 127 -31.91 5.02 16.72
CA SER B 127 -32.88 5.10 17.82
C SER B 127 -33.36 3.72 18.28
N SER B 128 -33.37 2.74 17.39
CA SER B 128 -33.79 1.39 17.80
C SER B 128 -32.59 0.49 18.16
N ALA B 129 -31.37 1.01 18.08
CA ALA B 129 -30.19 0.18 18.35
C ALA B 129 -30.12 -0.20 19.83
N ARG B 130 -29.58 -1.38 20.14
CA ARG B 130 -29.35 -1.76 21.55
C ARG B 130 -28.14 -1.02 22.09
N LEU B 131 -27.28 -0.56 21.19
CA LEU B 131 -26.08 0.16 21.56
C LEU B 131 -25.52 0.86 20.31
N LEU B 132 -24.99 2.06 20.52
CA LEU B 132 -24.31 2.81 19.46
C LEU B 132 -22.82 2.87 19.77
N MET B 133 -22.01 2.43 18.83
CA MET B 133 -20.56 2.49 18.97
C MET B 133 -20.04 3.51 17.97
N VAL B 134 -19.38 4.57 18.43
CA VAL B 134 -18.75 5.53 17.51
C VAL B 134 -17.22 5.53 17.67
N ASP B 135 -16.45 5.57 16.58
CA ASP B 135 -15.02 5.69 16.79
C ASP B 135 -14.66 7.16 16.58
N ALA B 136 -13.47 7.55 17.05
CA ALA B 136 -13.06 8.95 17.03
C ALA B 136 -12.49 9.38 15.68
N ASN B 137 -12.62 8.54 14.66
CA ASN B 137 -12.28 8.96 13.29
C ASN B 137 -13.32 9.92 12.76
N LEU B 138 -14.51 9.88 13.36
CA LEU B 138 -15.58 10.83 13.02
C LEU B 138 -15.19 12.27 13.36
N SER B 139 -15.59 13.19 12.50
CA SER B 139 -15.49 14.61 12.81
C SER B 139 -16.27 14.91 14.09
N SER B 140 -15.92 16.01 14.75
CA SER B 140 -16.66 16.47 15.94
C SER B 140 -18.15 16.64 15.67
N LEU B 141 -18.48 17.31 14.57
CA LEU B 141 -19.88 17.51 14.21
C LEU B 141 -20.59 16.16 13.99
N ALA B 142 -19.92 15.23 13.33
CA ALA B 142 -20.44 13.89 13.14
C ALA B 142 -20.65 13.16 14.49
N LEU B 143 -19.67 13.28 15.38
CA LEU B 143 -19.76 12.70 16.72
C LEU B 143 -20.94 13.31 17.50
N GLU B 144 -21.04 14.63 17.50
CA GLU B 144 -22.15 15.31 18.15
C GLU B 144 -23.50 14.87 17.58
N ALA B 145 -23.61 14.83 16.26
CA ALA B 145 -24.86 14.41 15.62
C ALA B 145 -25.24 12.98 16.01
N SER B 146 -24.25 12.08 15.96
CA SER B 146 -24.48 10.69 16.32
C SER B 146 -24.95 10.52 17.76
N CYS B 147 -24.21 11.12 18.68
CA CYS B 147 -24.43 10.94 20.10
C CYS B 147 -25.74 11.56 20.57
N LYS B 148 -26.14 12.67 19.95
CA LYS B 148 -27.40 13.32 20.30
C LYS B 148 -28.59 12.44 19.90
N LEU B 149 -28.55 11.84 18.72
CA LEU B 149 -29.62 10.93 18.28
C LEU B 149 -29.75 9.75 19.22
N ALA B 150 -28.62 9.19 19.67
CA ALA B 150 -28.66 8.09 20.62
C ALA B 150 -29.23 8.54 21.97
N ALA B 151 -28.70 9.64 22.50
CA ALA B 151 -29.07 10.10 23.84
C ALA B 151 -30.58 10.36 23.93
N GLU B 152 -31.11 10.95 22.87
CA GLU B 152 -32.53 11.26 22.77
C GLU B 152 -33.43 10.03 22.80
N SER B 153 -32.88 8.86 22.48
CA SER B 153 -33.64 7.62 22.54
C SER B 153 -33.14 6.73 23.67
N SER B 154 -32.35 7.34 24.57
CA SER B 154 -31.61 6.65 25.63
C SER B 154 -30.96 5.36 25.14
N VAL B 155 -30.32 5.43 23.98
CA VAL B 155 -29.47 4.37 23.48
C VAL B 155 -28.07 4.64 24.01
N PRO B 156 -27.49 3.67 24.72
CA PRO B 156 -26.14 3.80 25.29
C PRO B 156 -25.05 3.98 24.21
N VAL B 157 -24.13 4.91 24.47
CA VAL B 157 -23.09 5.26 23.52
C VAL B 157 -21.70 4.78 23.97
N TRP B 158 -21.05 4.04 23.08
CA TRP B 158 -19.67 3.61 23.32
C TRP B 158 -18.76 4.42 22.39
N PHE B 159 -17.83 5.15 23.00
CA PHE B 159 -16.87 5.93 22.25
C PHE B 159 -15.50 5.26 22.23
N GLU B 160 -15.02 4.91 21.04
CA GLU B 160 -13.67 4.38 20.85
C GLU B 160 -12.69 5.49 20.50
N PRO B 161 -11.74 5.74 21.39
CA PRO B 161 -10.83 6.91 21.31
C PRO B 161 -9.85 6.87 20.14
N VAL B 162 -9.61 5.68 19.59
CA VAL B 162 -8.77 5.46 18.39
C VAL B 162 -7.27 5.80 18.58
N SER B 163 -6.98 7.01 19.03
CA SER B 163 -5.59 7.42 19.19
C SER B 163 -5.45 8.55 20.19
N VAL B 164 -4.22 8.80 20.65
CA VAL B 164 -3.98 9.87 21.62
C VAL B 164 -4.54 11.21 21.09
N THR B 165 -4.26 11.49 19.83
CA THR B 165 -4.76 12.70 19.17
C THR B 165 -6.29 12.73 19.06
N LYS B 166 -6.85 11.71 18.43
CA LYS B 166 -8.28 11.74 18.12
C LYS B 166 -9.14 11.54 19.36
N SER B 167 -8.55 11.01 20.43
CA SER B 167 -9.27 10.77 21.68
C SER B 167 -9.79 12.08 22.26
N GLN B 168 -9.16 13.18 21.86
CA GLN B 168 -9.51 14.51 22.36
C GLN B 168 -10.85 15.00 21.83
N ARG B 169 -11.37 14.35 20.80
CA ARG B 169 -12.69 14.70 20.26
C ARG B 169 -13.82 14.32 21.22
N ILE B 170 -13.48 13.64 22.32
CA ILE B 170 -14.45 13.39 23.40
C ILE B 170 -15.03 14.69 23.97
N ALA B 171 -14.29 15.80 23.82
CA ALA B 171 -14.57 17.01 24.60
C ALA B 171 -15.99 17.56 24.42
N SER B 172 -16.50 17.57 23.20
CA SER B 172 -17.81 18.19 22.98
C SER B 172 -18.99 17.21 23.16
N ILE B 173 -18.70 15.94 23.46
CA ILE B 173 -19.75 14.93 23.54
C ILE B 173 -19.75 14.09 24.82
N ALA B 174 -18.85 14.41 25.75
CA ALA B 174 -18.63 13.56 26.91
C ALA B 174 -19.93 13.29 27.66
N LYS B 175 -20.80 14.29 27.74
CA LYS B 175 -22.09 14.12 28.44
C LYS B 175 -23.01 13.11 27.74
N TYR B 176 -22.79 12.86 26.46
CA TYR B 176 -23.65 11.91 25.75
C TYR B 176 -23.16 10.49 25.83
N VAL B 177 -21.95 10.32 26.33
CA VAL B 177 -21.26 9.05 26.20
C VAL B 177 -21.41 8.19 27.44
N THR B 178 -21.78 6.92 27.22
CA THR B 178 -21.98 5.96 28.30
C THR B 178 -20.67 5.27 28.65
N ILE B 179 -19.95 4.81 27.62
CA ILE B 179 -18.75 4.04 27.81
C ILE B 179 -17.59 4.56 26.97
N VAL B 180 -16.38 4.58 27.55
CA VAL B 180 -15.17 4.83 26.77
C VAL B 180 -14.16 3.71 27.00
N SER B 181 -13.35 3.44 25.98
CA SER B 181 -12.37 2.38 26.08
C SER B 181 -10.95 2.86 25.74
N PRO B 182 -10.43 3.88 26.44
CA PRO B 182 -9.06 4.30 26.08
C PRO B 182 -7.97 3.32 26.58
N ASN B 183 -6.83 3.24 25.90
CA ASN B 183 -5.65 2.67 26.53
C ASN B 183 -5.06 3.73 27.51
N GLN B 184 -3.94 3.43 28.16
CA GLN B 184 -3.37 4.33 29.19
C GLN B 184 -3.05 5.73 28.68
N ASP B 185 -2.50 5.83 27.47
CA ASP B 185 -2.15 7.13 26.93
C ASP B 185 -3.36 7.92 26.48
N GLU B 186 -4.36 7.25 25.91
CA GLU B 186 -5.54 7.95 25.41
C GLU B 186 -6.34 8.49 26.57
N LEU B 187 -6.30 7.77 27.69
CA LEU B 187 -6.98 8.20 28.91
C LEU B 187 -6.41 9.55 29.38
N ILE B 188 -5.09 9.64 29.41
CA ILE B 188 -4.42 10.88 29.82
C ILE B 188 -4.81 12.04 28.89
N ALA B 189 -4.78 11.81 27.58
CA ALA B 189 -5.15 12.86 26.63
C ALA B 189 -6.63 13.27 26.78
N MET B 190 -7.50 12.31 27.06
CA MET B 190 -8.92 12.63 27.22
C MET B 190 -9.14 13.48 28.47
N ALA B 191 -8.42 13.17 29.54
CA ALA B 191 -8.58 13.93 30.78
C ALA B 191 -8.03 15.35 30.65
N ASN B 192 -6.91 15.50 29.94
CA ASN B 192 -6.34 16.83 29.72
C ASN B 192 -7.28 17.63 28.83
N ALA B 193 -7.93 16.96 27.89
CA ALA B 193 -8.89 17.59 26.98
C ALA B 193 -10.08 18.21 27.73
N LEU B 194 -10.58 17.48 28.73
CA LEU B 194 -11.74 17.89 29.50
C LEU B 194 -11.39 18.80 30.69
N CYS B 195 -10.11 18.86 31.04
CA CYS B 195 -9.67 19.59 32.23
C CYS B 195 -9.30 21.04 31.95
N ALA B 196 -9.39 21.87 32.99
CA ALA B 196 -9.17 23.31 32.87
C ALA B 196 -7.70 23.63 32.59
N LYS B 197 -6.83 22.64 32.82
CA LYS B 197 -5.38 22.80 32.65
C LYS B 197 -4.84 21.41 32.33
N ASN B 198 -3.68 21.31 31.69
CA ASN B 198 -3.09 20.01 31.37
C ASN B 198 -2.34 19.41 32.56
N LEU B 199 -3.10 19.05 33.59
CA LEU B 199 -2.56 18.55 34.86
C LEU B 199 -1.85 17.20 34.75
N PHE B 200 -2.33 16.33 33.86
CA PHE B 200 -1.87 14.95 33.89
C PHE B 200 -0.71 14.77 32.94
N HIS B 201 0.25 13.97 33.39
CA HIS B 201 1.47 13.75 32.65
C HIS B 201 1.42 12.30 32.18
N PRO B 202 2.01 12.03 31.01
CA PRO B 202 1.98 10.69 30.41
C PRO B 202 2.99 9.72 31.04
N PHE B 203 2.82 8.42 30.79
CA PHE B 203 3.74 7.41 31.31
C PHE B 203 4.98 7.38 30.44
N ARG B 204 6.15 7.27 31.07
CA ARG B 204 7.42 7.32 30.32
C ARG B 204 8.16 6.00 30.38
N GLU B 207 9.02 5.43 34.25
CA GLU B 207 9.42 4.58 33.12
C GLU B 207 9.16 3.11 33.43
N ASN B 208 9.53 2.67 34.62
CA ASN B 208 9.35 1.29 35.04
C ASN B 208 7.89 0.91 35.27
N LYS B 209 7.53 -0.32 34.94
CA LYS B 209 6.14 -0.76 35.08
C LYS B 209 5.78 -0.97 36.55
N LEU B 210 4.51 -0.73 36.86
CA LEU B 210 4.03 -0.65 38.23
C LEU B 210 3.08 -1.79 38.57
N SER B 211 2.89 -2.03 39.85
CA SER B 211 1.89 -3.00 40.26
C SER B 211 0.56 -2.46 39.78
N ILE B 212 -0.38 -3.35 39.50
CA ILE B 212 -1.64 -2.93 38.93
C ILE B 212 -2.42 -2.02 39.85
N GLU B 213 -2.38 -2.28 41.15
CA GLU B 213 -3.08 -1.41 42.10
C GLU B 213 -2.42 -0.03 42.16
N ASP B 214 -1.11 0.02 41.95
CA ASP B 214 -0.41 1.32 41.91
C ASP B 214 -0.69 2.07 40.60
N MET B 215 -0.90 1.35 39.51
CA MET B 215 -1.26 1.98 38.23
C MET B 215 -2.65 2.59 38.28
N PHE B 216 -3.55 1.99 39.06
CA PHE B 216 -4.89 2.54 39.21
C PHE B 216 -4.85 3.87 39.95
N ARG B 217 -4.10 3.94 41.04
CA ARG B 217 -4.01 5.18 41.80
C ARG B 217 -3.39 6.28 40.95
N ALA B 218 -2.44 5.89 40.10
CA ALA B 218 -1.83 6.83 39.15
C ALA B 218 -2.86 7.42 38.21
N LEU B 219 -3.78 6.58 37.73
CA LEU B 219 -4.73 6.97 36.69
C LEU B 219 -6.05 7.48 37.25
N LYS B 220 -6.30 7.22 38.52
CA LYS B 220 -7.59 7.51 39.14
C LYS B 220 -8.08 8.97 38.99
N PRO B 221 -7.20 9.98 39.16
CA PRO B 221 -7.69 11.35 38.92
C PRO B 221 -8.21 11.56 37.49
N ALA B 222 -7.46 11.12 36.48
CA ALA B 222 -7.91 11.18 35.09
C ALA B 222 -9.26 10.50 34.88
N ILE B 223 -9.40 9.30 35.44
CA ILE B 223 -10.66 8.55 35.35
C ILE B 223 -11.77 9.39 35.97
N LEU B 224 -11.47 10.04 37.08
CA LEU B 224 -12.45 10.86 37.77
C LEU B 224 -12.89 12.04 36.90
N VAL B 225 -11.95 12.63 36.17
CA VAL B 225 -12.27 13.73 35.28
C VAL B 225 -13.34 13.32 34.27
N LEU B 226 -13.18 12.13 33.70
CA LEU B 226 -14.11 11.61 32.71
C LEU B 226 -15.49 11.39 33.34
N LEU B 227 -15.50 10.74 34.49
CA LEU B 227 -16.77 10.43 35.16
C LEU B 227 -17.51 11.70 35.58
N LYS B 228 -16.74 12.68 36.05
CA LYS B 228 -17.33 13.93 36.50
C LYS B 228 -17.86 14.72 35.30
N ASN B 229 -17.37 14.38 34.09
CA ASN B 229 -17.85 15.06 32.91
C ASN B 229 -18.98 14.33 32.17
N GLY B 230 -19.52 13.29 32.79
CA GLY B 230 -20.73 12.66 32.29
C GLY B 230 -20.58 11.25 31.75
N VAL B 231 -19.34 10.81 31.58
CA VAL B 231 -19.08 9.44 31.15
C VAL B 231 -19.51 8.47 32.26
N LYS B 232 -20.26 7.43 31.93
CA LYS B 232 -20.75 6.51 32.97
C LYS B 232 -19.76 5.38 33.26
N VAL B 233 -19.09 4.90 32.22
CA VAL B 233 -18.17 3.78 32.39
C VAL B 233 -16.86 4.06 31.66
N VAL B 234 -15.75 3.90 32.37
CA VAL B 234 -14.43 4.06 31.76
C VAL B 234 -13.72 2.72 31.80
N ILE B 235 -13.46 2.16 30.63
CA ILE B 235 -12.62 0.97 30.53
C ILE B 235 -11.25 1.38 30.04
N VAL B 236 -10.26 1.25 30.91
CA VAL B 236 -8.87 1.52 30.55
C VAL B 236 -8.19 0.20 30.26
N THR B 237 -7.75 0.03 29.02
CA THR B 237 -7.04 -1.18 28.62
C THR B 237 -5.56 -1.06 28.98
N LEU B 238 -5.00 -2.13 29.51
CA LEU B 238 -3.64 -2.12 30.05
C LEU B 238 -2.73 -3.12 29.36
N GLY B 239 -2.92 -3.29 28.05
CA GLY B 239 -2.13 -4.24 27.28
C GLY B 239 -2.02 -5.59 27.97
N SER B 240 -0.78 -6.01 28.22
CA SER B 240 -0.50 -7.33 28.79
C SER B 240 -0.99 -7.51 30.22
N ASN B 241 -1.43 -6.44 30.86
CA ASN B 241 -1.99 -6.55 32.20
C ASN B 241 -3.53 -6.52 32.25
N GLY B 242 -4.17 -6.66 31.10
CA GLY B 242 -5.62 -6.75 31.04
C GLY B 242 -6.32 -5.40 30.89
N ALA B 243 -7.24 -5.10 31.80
CA ALA B 243 -8.01 -3.86 31.72
C ALA B 243 -8.55 -3.42 33.08
N LEU B 244 -8.70 -2.10 33.26
CA LEU B 244 -9.42 -1.57 34.40
C LEU B 244 -10.84 -1.21 34.01
N LEU B 245 -11.79 -1.54 34.87
CA LEU B 245 -13.17 -1.13 34.68
C LEU B 245 -13.55 -0.21 35.84
N CYS B 246 -13.87 1.03 35.52
CA CYS B 246 -14.29 1.97 36.55
C CYS B 246 -15.64 2.55 36.14
N SER B 247 -16.52 2.76 37.11
CA SER B 247 -17.85 3.23 36.80
C SER B 247 -18.45 4.10 37.88
N LYS B 248 -19.42 4.92 37.46
CA LYS B 248 -20.32 5.65 38.34
C LYS B 248 -21.38 4.68 38.83
N GLY B 249 -21.35 4.35 40.10
CA GLY B 249 -22.27 3.37 40.63
C GLY B 249 -21.88 1.96 40.20
N ASN B 250 -22.61 0.97 40.68
CA ASN B 250 -22.28 -0.44 40.45
C ASN B 250 -22.13 -0.85 38.99
N PRO B 251 -20.99 -1.50 38.67
CA PRO B 251 -20.62 -1.94 37.32
C PRO B 251 -21.52 -3.03 36.75
N LYS B 252 -22.17 -3.83 37.60
CA LYS B 252 -23.09 -4.86 37.13
C LYS B 252 -24.26 -4.26 36.34
N LYS B 253 -23.95 -3.76 35.15
CA LYS B 253 -24.92 -3.12 34.26
C LYS B 253 -25.21 -3.95 33.00
N ALA B 254 -26.49 -4.23 32.76
CA ALA B 254 -26.89 -4.91 31.53
C ALA B 254 -27.51 -3.92 30.55
N LEU B 255 -27.86 -4.40 29.37
CA LEU B 255 -28.54 -3.58 28.39
C LEU B 255 -30.03 -3.72 28.63
N ASN B 256 -30.77 -2.64 28.43
CA ASN B 256 -32.21 -2.63 28.60
C ASN B 256 -32.88 -3.28 27.40
N ILE B 257 -32.67 -4.59 27.22
CA ILE B 257 -33.18 -5.30 26.05
C ILE B 257 -33.70 -6.69 26.38
N ASP B 258 -34.75 -7.08 25.67
CA ASP B 258 -35.20 -8.47 25.54
C ASP B 258 -36.46 -8.52 24.68
N ARG B 270 -24.22 -19.87 27.76
CA ARG B 270 -22.95 -20.47 27.41
C ARG B 270 -21.80 -19.86 28.22
N VAL B 271 -21.59 -18.56 28.07
CA VAL B 271 -20.65 -17.83 28.91
C VAL B 271 -21.29 -17.65 30.28
N GLN B 272 -22.59 -17.33 30.25
CA GLN B 272 -23.42 -17.21 31.43
C GLN B 272 -23.46 -18.55 32.15
N SER B 273 -23.28 -19.61 31.38
CA SER B 273 -23.28 -20.97 31.89
C SER B 273 -22.07 -21.18 32.80
N VAL B 274 -20.99 -20.48 32.48
CA VAL B 274 -19.71 -20.72 33.14
C VAL B 274 -19.22 -19.53 34.00
N CYS B 275 -19.67 -18.32 33.69
CA CYS B 275 -19.38 -17.14 34.51
C CYS B 275 -20.57 -16.70 35.38
N SER B 276 -20.73 -17.31 36.55
CA SER B 276 -21.88 -17.02 37.42
C SER B 276 -21.94 -15.60 37.98
N PRO B 277 -23.12 -14.95 37.86
CA PRO B 277 -23.36 -13.61 38.40
C PRO B 277 -23.50 -13.62 39.93
N SER B 290 -19.62 6.86 45.06
CA SER B 290 -20.12 5.74 44.26
C SER B 290 -19.19 5.42 43.11
N LEU B 291 -17.89 5.32 43.38
CA LEU B 291 -16.94 4.94 42.35
C LEU B 291 -16.44 3.52 42.56
N PHE B 292 -16.72 2.67 41.56
CA PHE B 292 -16.28 1.29 41.57
C PHE B 292 -15.10 1.08 40.64
N ALA B 293 -14.13 0.30 41.11
CA ALA B 293 -12.97 -0.03 40.27
C ALA B 293 -12.67 -1.51 40.37
N MET B 294 -12.46 -2.13 39.21
CA MET B 294 -12.11 -3.54 39.13
C MET B 294 -10.98 -3.76 38.16
N HIS B 295 -10.13 -4.73 38.47
CA HIS B 295 -9.11 -5.13 37.52
C HIS B 295 -9.50 -6.44 36.84
N PHE B 296 -9.46 -6.46 35.53
CA PHE B 296 -9.65 -7.69 34.78
C PHE B 296 -8.30 -8.14 34.24
N PRO B 297 -7.85 -9.30 34.70
CA PRO B 297 -6.61 -9.88 34.17
C PRO B 297 -6.83 -10.36 32.76
N THR B 298 -5.77 -10.42 31.97
CA THR B 298 -5.86 -11.05 30.68
C THR B 298 -5.30 -12.47 30.81
N ILE B 299 -5.13 -13.14 29.68
CA ILE B 299 -4.68 -14.52 29.66
C ILE B 299 -3.36 -14.61 28.91
N PRO B 300 -2.41 -15.40 29.43
CA PRO B 300 -1.13 -15.65 28.75
C PRO B 300 -1.33 -16.02 27.27
N ALA B 301 -0.61 -15.32 26.41
CA ALA B 301 -0.78 -15.49 24.98
C ALA B 301 0.54 -15.35 24.23
N LYS B 302 0.73 -16.16 23.20
CA LYS B 302 1.87 -15.98 22.33
C LYS B 302 1.49 -14.99 21.24
N VAL B 303 2.09 -13.80 21.33
CA VAL B 303 1.75 -12.70 20.44
C VAL B 303 2.24 -12.90 19.03
N LYS B 304 1.36 -12.71 18.05
CA LYS B 304 1.77 -12.68 16.65
C LYS B 304 1.70 -11.26 16.10
N LYS B 305 0.59 -10.57 16.34
CA LYS B 305 0.51 -9.14 16.00
C LYS B 305 -0.45 -8.44 16.96
N LEU B 306 0.09 -7.47 17.71
CA LEU B 306 -0.67 -6.77 18.74
C LEU B 306 -1.72 -5.80 18.22
N THR B 307 -1.48 -5.25 17.04
CA THR B 307 -2.30 -4.16 16.51
C THR B 307 -3.76 -4.54 16.31
N GLY B 308 -4.64 -3.76 16.94
CA GLY B 308 -6.07 -3.96 16.75
C GLY B 308 -6.72 -4.86 17.79
N ALA B 309 -5.93 -5.41 18.71
CA ALA B 309 -6.49 -6.24 19.78
C ALA B 309 -7.53 -5.48 20.58
N GLY B 310 -7.26 -4.20 20.85
CA GLY B 310 -8.16 -3.36 21.61
C GLY B 310 -9.53 -3.24 20.95
N ASP B 311 -9.54 -3.24 19.62
CA ASP B 311 -10.79 -3.13 18.88
C ASP B 311 -11.66 -4.36 19.12
N CYS B 312 -11.01 -5.51 19.29
CA CYS B 312 -11.72 -6.76 19.56
C CYS B 312 -12.18 -6.84 21.02
N LEU B 313 -11.51 -6.11 21.90
CA LEU B 313 -11.98 -6.00 23.29
C LEU B 313 -13.33 -5.29 23.26
N VAL B 314 -13.40 -4.21 22.50
CA VAL B 314 -14.66 -3.49 22.30
C VAL B 314 -15.71 -4.39 21.63
N GLY B 315 -15.37 -5.00 20.48
CA GLY B 315 -16.34 -5.81 19.76
C GLY B 315 -16.87 -6.99 20.58
N GLY B 316 -15.95 -7.70 21.23
CA GLY B 316 -16.31 -8.80 22.12
C GLY B 316 -17.23 -8.34 23.23
N THR B 317 -16.95 -7.18 23.81
CA THR B 317 -17.80 -6.65 24.89
C THR B 317 -19.17 -6.26 24.38
N VAL B 318 -19.22 -5.61 23.22
CA VAL B 318 -20.48 -5.17 22.64
C VAL B 318 -21.32 -6.38 22.22
N ALA B 319 -20.66 -7.41 21.69
CA ALA B 319 -21.37 -8.65 21.33
C ALA B 319 -22.04 -9.23 22.55
N SER B 320 -21.26 -9.37 23.63
CA SER B 320 -21.78 -9.98 24.85
C SER B 320 -22.91 -9.16 25.46
N LEU B 321 -22.76 -7.84 25.45
CA LEU B 321 -23.79 -6.95 25.93
C LEU B 321 -25.02 -7.10 25.07
N SER B 322 -24.81 -7.20 23.77
CA SER B 322 -25.89 -7.43 22.82
C SER B 322 -26.63 -8.75 23.07
N ASP B 323 -25.95 -9.76 23.61
CA ASP B 323 -26.59 -11.07 23.83
C ASP B 323 -27.19 -11.14 25.23
N GLY B 324 -27.13 -10.04 25.97
CA GLY B 324 -27.83 -9.93 27.24
C GLY B 324 -27.00 -10.05 28.51
N LEU B 325 -25.71 -10.32 28.38
CA LEU B 325 -24.81 -10.45 29.53
C LEU B 325 -24.67 -9.11 30.24
N ASP B 326 -24.23 -9.15 31.51
CA ASP B 326 -23.90 -7.92 32.22
C ASP B 326 -22.52 -7.42 31.76
N LEU B 327 -22.17 -6.22 32.18
CA LEU B 327 -20.94 -5.59 31.71
C LEU B 327 -19.72 -6.39 32.15
N ILE B 328 -19.80 -6.93 33.36
CA ILE B 328 -18.67 -7.62 33.94
C ILE B 328 -18.40 -8.93 33.20
N GLN B 329 -19.46 -9.67 32.91
CA GLN B 329 -19.36 -10.84 32.04
C GLN B 329 -18.92 -10.45 30.63
N SER B 330 -19.40 -9.32 30.13
CA SER B 330 -19.08 -8.87 28.78
C SER B 330 -17.62 -8.48 28.59
N LEU B 331 -17.07 -7.78 29.57
CA LEU B 331 -15.68 -7.34 29.49
C LEU B 331 -14.74 -8.54 29.54
N ALA B 332 -15.12 -9.56 30.31
CA ALA B 332 -14.39 -10.82 30.34
C ALA B 332 -14.34 -11.45 28.94
N VAL B 333 -15.47 -11.46 28.25
CA VAL B 333 -15.49 -11.95 26.87
C VAL B 333 -14.64 -11.06 25.96
N GLY B 334 -14.71 -9.75 26.16
CA GLY B 334 -13.95 -8.81 25.36
C GLY B 334 -12.45 -9.09 25.46
N ILE B 335 -12.01 -9.34 26.69
CA ILE B 335 -10.60 -9.66 26.95
C ILE B 335 -10.24 -11.02 26.34
N ALA B 336 -11.13 -12.01 26.46
CA ALA B 336 -10.94 -13.28 25.78
C ALA B 336 -10.81 -13.05 24.28
N SER B 337 -11.71 -12.23 23.73
CA SER B 337 -11.71 -11.95 22.29
C SER B 337 -10.41 -11.25 21.84
N ALA B 338 -9.89 -10.35 22.66
CA ALA B 338 -8.66 -9.64 22.33
C ALA B 338 -7.43 -10.54 22.43
N LYS B 339 -7.47 -11.51 23.35
CA LYS B 339 -6.41 -12.51 23.48
C LYS B 339 -6.35 -13.32 22.19
N ALA B 340 -7.51 -13.77 21.72
CA ALA B 340 -7.56 -14.44 20.43
C ALA B 340 -7.00 -13.52 19.33
N ALA B 341 -7.28 -12.22 19.44
CA ALA B 341 -6.82 -11.25 18.45
C ALA B 341 -5.31 -11.11 18.41
N VAL B 342 -4.65 -11.06 19.58
CA VAL B 342 -3.19 -10.92 19.60
C VAL B 342 -2.51 -12.20 19.08
N GLU B 343 -3.16 -13.35 19.27
CA GLU B 343 -2.61 -14.62 18.80
C GLU B 343 -2.87 -14.87 17.32
N SER B 344 -3.21 -13.80 16.60
CA SER B 344 -3.44 -13.87 15.16
C SER B 344 -2.59 -12.85 14.41
N ASP B 345 -2.37 -13.09 13.12
CA ASP B 345 -1.59 -12.17 12.29
C ASP B 345 -2.45 -11.02 11.76
N ASP B 346 -3.76 -11.19 11.79
CA ASP B 346 -4.67 -10.14 11.34
C ASP B 346 -5.13 -9.24 12.49
N ASN B 347 -5.81 -8.15 12.16
CA ASN B 347 -6.45 -7.29 13.16
C ASN B 347 -7.46 -8.08 13.97
N VAL B 348 -8.31 -8.78 13.24
CA VAL B 348 -9.35 -9.62 13.81
C VAL B 348 -9.17 -11.04 13.28
N PRO B 349 -9.17 -12.06 14.18
CA PRO B 349 -8.99 -13.46 13.79
C PRO B 349 -9.91 -13.85 12.65
N PRO B 350 -9.48 -14.81 11.82
CA PRO B 350 -10.31 -15.30 10.71
C PRO B 350 -11.66 -15.79 11.22
N GLU B 351 -11.64 -16.41 12.40
CA GLU B 351 -12.85 -16.87 13.07
C GLU B 351 -12.61 -16.89 14.57
N PHE B 352 -13.70 -17.05 15.31
CA PHE B 352 -13.62 -17.22 16.74
C PHE B 352 -14.08 -18.62 17.12
N LYS B 353 -13.24 -19.32 17.85
CA LYS B 353 -13.61 -20.62 18.39
C LYS B 353 -14.32 -20.35 19.71
N LEU B 354 -15.66 -20.35 19.67
CA LEU B 354 -16.45 -20.00 20.83
C LEU B 354 -16.20 -20.96 22.00
N ASP B 355 -15.71 -22.15 21.67
CA ASP B 355 -15.22 -23.08 22.67
C ASP B 355 -14.18 -22.38 23.54
N LEU B 356 -13.14 -21.89 22.88
CA LEU B 356 -12.01 -21.29 23.56
C LEU B 356 -12.35 -19.95 24.23
N ILE B 357 -13.21 -19.15 23.58
CA ILE B 357 -13.60 -17.83 24.10
C ILE B 357 -14.30 -17.93 25.45
N SER B 358 -15.30 -18.80 25.53
CA SER B 358 -16.03 -18.98 26.78
C SER B 358 -15.07 -19.47 27.84
N GLY B 359 -14.13 -20.30 27.43
CA GLY B 359 -13.12 -20.83 28.34
C GLY B 359 -12.20 -19.75 28.90
N ASP B 360 -11.65 -18.92 28.03
CA ASP B 360 -10.81 -17.81 28.46
C ASP B 360 -11.61 -16.81 29.28
N ALA B 361 -12.85 -16.57 28.86
CA ALA B 361 -13.74 -15.65 29.56
C ALA B 361 -13.94 -16.07 31.03
N GLU B 362 -14.10 -17.37 31.28
CA GLU B 362 -14.27 -17.84 32.66
C GLU B 362 -13.04 -17.53 33.48
N LEU B 363 -11.88 -17.82 32.92
CA LEU B 363 -10.60 -17.50 33.54
C LEU B 363 -10.53 -16.04 33.95
N VAL B 364 -10.81 -15.16 32.99
CA VAL B 364 -10.73 -13.71 33.22
C VAL B 364 -11.73 -13.27 34.28
N TYR B 365 -12.97 -13.72 34.10
CA TYR B 365 -14.06 -13.38 35.01
C TYR B 365 -13.79 -13.84 36.44
N ASN B 366 -13.33 -15.08 36.61
CA ASN B 366 -13.05 -15.61 37.94
C ASN B 366 -11.82 -14.91 38.50
N GLY B 367 -11.01 -14.39 37.59
CA GLY B 367 -9.81 -13.67 37.96
C GLY B 367 -9.99 -12.20 38.27
N ALA B 368 -11.19 -11.66 38.04
CA ALA B 368 -11.42 -10.23 38.23
C ALA B 368 -11.26 -9.84 39.69
N LYS B 369 -10.72 -8.65 39.94
CA LYS B 369 -10.43 -8.20 41.30
C LYS B 369 -10.95 -6.80 41.58
N MET B 370 -11.72 -6.66 42.65
CA MET B 370 -12.15 -5.34 43.11
C MET B 370 -11.00 -4.50 43.69
N LEU B 371 -10.90 -3.25 43.25
CA LEU B 371 -9.85 -2.37 43.76
C LEU B 371 -10.47 -1.48 44.84
N MET B 372 -11.60 -0.87 44.48
CA MET B 372 -12.45 -0.13 45.41
C MET B 372 -13.76 -0.87 45.59
NA NA C . 3.73 10.05 -13.67
O01 FJF D . 10.71 -5.31 -7.60
C02 FJF D . 10.07 -4.47 -8.22
N03 FJF D . 10.04 -3.07 -7.82
C04 FJF D . 9.31 -2.11 -8.56
C05 FJF D . 8.55 -2.51 -9.75
C06 FJF D . 8.61 -3.92 -10.15
O07 FJF D . 7.99 -4.29 -11.14
N08 FJF D . 9.33 -4.87 -9.40
C09 FJF D . 7.76 -1.51 -10.57
O10 FJF D . 8.48 -0.51 -10.88
C11 FJF D . 7.34 0.48 -11.41
C12 FJF D . 7.94 1.85 -11.74
O13 FJF D . 9.07 1.69 -12.59
C14 FJF D . 6.47 0.52 -10.47
O15 FJF D . 5.05 0.63 -11.01
C16 FJF D . 6.64 -0.80 -9.73
O17 FJF D . 5.46 -1.50 -9.69
PB ADP E . 13.51 5.66 -13.46
O1B ADP E . 13.82 4.30 -13.97
O2B ADP E . 14.11 5.98 -12.12
O3B ADP E . 12.07 6.08 -13.62
PA ADP E . 14.79 8.11 -14.29
O1A ADP E . 16.24 8.16 -14.73
O2A ADP E . 14.35 8.66 -12.97
O3A ADP E . 14.32 6.57 -14.51
O5' ADP E . 13.89 8.81 -15.44
C5' ADP E . 13.51 8.13 -16.63
C4' ADP E . 13.29 9.18 -17.70
O4' ADP E . 12.16 10.01 -17.41
C3' ADP E . 14.47 10.14 -17.82
O3' ADP E . 15.49 9.64 -18.70
C2' ADP E . 13.83 11.35 -18.43
O2' ADP E . 13.85 11.03 -19.83
C1' ADP E . 12.41 11.32 -17.90
N9 ADP E . 12.34 12.20 -16.72
C8 ADP E . 12.54 11.81 -15.44
N7 ADP E . 12.41 12.87 -14.59
C5 ADP E . 12.12 13.93 -15.37
C6 ADP E . 11.85 15.36 -15.12
N6 ADP E . 11.87 15.84 -13.86
N1 ADP E . 11.58 16.15 -16.18
C2 ADP E . 11.56 15.67 -17.45
N3 ADP E . 11.79 14.38 -17.74
C4 ADP E . 12.07 13.49 -16.76
NA NA F . -3.68 -9.85 15.62
O01 FJF G . -6.37 7.42 12.11
C02 FJF G . -6.46 6.22 12.20
N03 FJF G . -5.29 5.37 12.08
C04 FJF G . -5.42 3.95 12.18
C05 FJF G . -6.75 3.37 12.38
C06 FJF G . -7.92 4.23 12.51
O07 FJF G . -9.01 3.71 12.68
N08 FJF G . -7.78 5.63 12.40
C09 FJF G . -6.98 1.88 12.51
O10 FJF G . -6.69 1.48 13.68
C11 FJF G . -6.66 -0.10 13.44
C12 FJF G . -6.00 -0.79 14.63
O13 FJF G . -6.66 -0.42 15.81
C14 FJF G . -6.01 -0.29 12.34
O15 FJF G . -6.76 -1.31 11.50
C16 FJF G . -6.02 1.05 11.63
O17 FJF G . -6.52 0.93 10.37
PB ADP H . -4.44 -0.93 22.13
O1B ADP H . -3.08 -0.26 22.05
O2B ADP H . -4.55 -2.24 21.38
O3B ADP H . -5.61 0.01 21.90
PA ADP H . -3.72 -2.23 24.60
O1A ADP H . -2.32 -2.25 24.06
O2A ADP H . -3.97 -1.82 26.03
O3A ADP H . -4.67 -1.32 23.68
O5' ADP H . -4.43 -3.66 24.36
C5' ADP H . -5.85 -3.76 24.44
C4' ADP H . -6.24 -5.13 24.96
O4' ADP H . -5.53 -6.16 24.25
C3' ADP H . -5.84 -5.34 26.40
O3' ADP H . -6.80 -4.83 27.34
C2' ADP H . -5.67 -6.85 26.51
O2' ADP H . -6.88 -7.45 26.95
C1' ADP H . -5.35 -7.31 25.10
N9 ADP H . -3.93 -7.73 25.12
C8 ADP H . -2.88 -6.92 24.85
N7 ADP H . -1.71 -7.58 24.95
C5 ADP H . -2.00 -8.85 25.29
C6 ADP H . -1.22 -10.07 25.55
N6 ADP H . 0.13 -10.06 25.47
N1 ADP H . -1.90 -11.19 25.87
C2 ADP H . -3.25 -11.21 25.95
N3 ADP H . -4.02 -10.14 25.73
C4 ADP H . -3.47 -8.94 25.40
#